data_7LAE
#
_entry.id   7LAE
#
_cell.length_a   106.917
_cell.length_b   106.917
_cell.length_c   238.964
_cell.angle_alpha   90.000
_cell.angle_beta   90.000
_cell.angle_gamma   90.000
#
_symmetry.space_group_name_H-M   'P 43 21 2'
#
loop_
_entity.id
_entity.type
_entity.pdbx_description
1 polymer 'Myeloperoxidase light chain'
2 polymer 'Isoform H14 of Myeloperoxidase'
3 branched 2-acetamido-2-deoxy-beta-D-glucopyranose-(1-4)-2-acetamido-2-deoxy-beta-D-glucopyranose
4 non-polymer 'CHLORIDE ION'
5 non-polymer 'PROTOPORPHYRIN IX CONTAINING FE'
6 non-polymer 2-acetamido-2-deoxy-beta-D-glucopyranose
7 non-polymer alpha-L-fucopyranose
8 non-polymer beta-D-mannopyranose
9 non-polymer alpha-D-mannopyranose
10 non-polymer 'CALCIUM ION'
11 non-polymer 7-{[1-(4-fluorophenyl)-1H-pyrazol-4-yl]methyl}-1H-[1,2,3]triazolo[4,5-b]pyridin-5-amine
12 water water
#
loop_
_entity_poly.entity_id
_entity_poly.type
_entity_poly.pdbx_seq_one_letter_code
_entity_poly.pdbx_strand_id
1 'polypeptide(L)'
;CPEQDKYRTITGMCNNRRSPTLGASNRAFVRWLPAEYEDGFSLPYGWTPGVKRNGFPVALARAVSNEIVRFPTDQLTPDQ
ERSLMFMQWGQLLDHDLDFTPEPAA
;
A,D
2 'polypeptide(L)'
;VNCETSCVQQPPCFPLKIPPNDPRIKNQADCIPFFRSCPACPGSNITIRNQINALTSFVDASMVYGSEEPLARNLRNMSN
QLGLLAVNQRFQDNGRALLPFDNLHDDPCLLTNRSARIPCFLAGDTRSSEMPELTSMHTLLLREHNRLATELKSLNPRWD
GERLYQEARKIVGAMVQIITYRDYLPLVLGPTAMRKYLPTYRSYNDSVDPRIANVFTNAFRYGHTLIQPFMFRLDNRYQP
MEPNPRVPLSRVFFASWRVVLEGGIDPILRGLMATPAKLNRQNQIAVDEIRERLFEQVMRIGLDLPALNMQRSRDHGLPG
YNAWRRFCGLPQPETVGQLGTVLRNLKLARKLMEQYGTPNNIDIWMGGVSEPLKRKGRVGPLLACIIGTQFRKLRDGDRF
WWENEGVFSMQQRQALAQISLPRIICDNTGITTVSKNNIFMSNSYPRDFVNCSTLPALNLASWREA
;
B,E
#
loop_
_chem_comp.id
_chem_comp.type
_chem_comp.name
_chem_comp.formula
BMA D-saccharide, beta linking beta-D-mannopyranose 'C6 H12 O6'
CA non-polymer 'CALCIUM ION' 'Ca 2'
CL non-polymer 'CHLORIDE ION' 'Cl -1'
FUC L-saccharide, alpha linking alpha-L-fucopyranose 'C6 H12 O5'
HEM non-polymer 'PROTOPORPHYRIN IX CONTAINING FE' 'C34 H32 Fe N4 O4'
MAN D-saccharide, alpha linking alpha-D-mannopyranose 'C6 H12 O6'
NAG D-saccharide, beta linking 2-acetamido-2-deoxy-beta-D-glucopyranose 'C8 H15 N O6'
XRV non-polymer 7-{[1-(4-fluorophenyl)-1H-pyrazol-4-yl]methyl}-1H-[1,2,3]triazolo[4,5-b]pyridin-5-amine 'C15 H12 F N7'
#
# COMPACT_ATOMS: atom_id res chain seq x y z
N CYS A 1 -14.11 1.82 -19.91
CA CYS A 1 -13.42 3.08 -19.64
C CYS A 1 -13.10 3.88 -20.95
N PRO A 2 -13.92 4.93 -21.25
CA PRO A 2 -13.71 5.69 -22.51
C PRO A 2 -12.33 6.25 -22.82
N GLU A 3 -11.93 6.12 -24.12
CA GLU A 3 -10.64 6.55 -24.69
C GLU A 3 -10.55 8.07 -24.88
N GLN A 4 -11.70 8.74 -25.01
CA GLN A 4 -11.82 10.19 -25.17
C GLN A 4 -12.96 10.63 -24.27
N ASP A 5 -12.71 11.65 -23.41
CA ASP A 5 -13.68 12.19 -22.45
C ASP A 5 -13.39 13.66 -22.12
N LYS A 6 -14.45 14.46 -21.97
CA LYS A 6 -14.37 15.91 -21.70
C LYS A 6 -14.60 16.26 -20.25
N TYR A 7 -15.34 15.40 -19.54
CA TYR A 7 -15.70 15.67 -18.16
C TYR A 7 -15.36 14.54 -17.20
N ARG A 8 -15.25 14.93 -15.91
CA ARG A 8 -15.04 14.03 -14.79
C ARG A 8 -16.25 13.13 -14.60
N THR A 9 -16.05 11.96 -13.96
CA THR A 9 -17.19 11.15 -13.56
C THR A 9 -17.52 11.68 -12.16
N ILE A 10 -18.70 11.36 -11.66
CA ILE A 10 -19.09 11.77 -10.33
C ILE A 10 -18.28 10.98 -9.30
N THR A 11 -18.00 9.71 -9.59
CA THR A 11 -17.27 8.82 -8.67
C THR A 11 -15.77 8.93 -8.74
N GLY A 12 -15.24 9.58 -9.75
CA GLY A 12 -13.80 9.72 -9.88
C GLY A 12 -13.21 8.55 -10.63
N MET A 13 -14.06 7.59 -10.99
CA MET A 13 -13.69 6.44 -11.79
C MET A 13 -13.09 6.99 -13.09
N CYS A 14 -12.08 6.31 -13.63
CA CYS A 14 -11.44 6.70 -14.90
C CYS A 14 -10.59 7.97 -14.92
N ASN A 15 -10.28 8.58 -13.78
CA ASN A 15 -9.39 9.75 -13.82
C ASN A 15 -7.99 9.20 -14.14
N ASN A 16 -7.67 8.04 -13.52
CA ASN A 16 -6.42 7.36 -13.78
C ASN A 16 -6.72 6.17 -14.68
N ARG A 17 -6.42 6.30 -15.96
CA ARG A 17 -6.66 5.26 -16.96
C ARG A 17 -6.01 3.90 -16.67
N ARG A 18 -4.75 3.87 -16.12
CA ARG A 18 -4.04 2.63 -15.78
C ARG A 18 -4.63 1.88 -14.60
N SER A 19 -4.95 2.61 -13.51
CA SER A 19 -5.57 2.05 -12.30
C SER A 19 -6.85 2.89 -12.06
N PRO A 20 -7.92 2.59 -12.82
CA PRO A 20 -9.12 3.43 -12.81
C PRO A 20 -9.87 3.77 -11.53
N THR A 21 -9.67 3.03 -10.43
CA THR A 21 -10.36 3.33 -9.17
C THR A 21 -9.61 4.38 -8.36
N LEU A 22 -8.33 4.64 -8.67
CA LEU A 22 -7.54 5.58 -7.90
C LEU A 22 -8.15 6.96 -7.88
N GLY A 23 -8.45 7.41 -6.67
CA GLY A 23 -9.07 8.70 -6.41
C GLY A 23 -10.56 8.64 -6.30
N ALA A 24 -11.15 7.54 -6.79
CA ALA A 24 -12.58 7.31 -6.78
C ALA A 24 -13.13 7.10 -5.37
N SER A 25 -14.42 7.43 -5.21
CA SER A 25 -15.16 7.33 -3.96
C SER A 25 -15.42 5.87 -3.55
N ASN A 26 -15.66 5.63 -2.25
CA ASN A 26 -15.91 4.32 -1.64
C ASN A 26 -14.81 3.28 -1.92
N ARG A 27 -13.59 3.61 -1.53
CA ARG A 27 -12.41 2.79 -1.69
C ARG A 27 -11.52 2.95 -0.47
N ALA A 28 -10.60 2.00 -0.24
CA ALA A 28 -9.71 2.07 0.91
C ALA A 28 -8.71 3.17 0.72
N PHE A 29 -8.31 3.80 1.82
CA PHE A 29 -7.27 4.84 1.83
C PHE A 29 -5.92 4.24 1.47
N VAL A 30 -4.99 5.04 0.95
CA VAL A 30 -3.65 4.55 0.75
C VAL A 30 -2.93 4.65 2.14
N ARG A 31 -1.87 3.86 2.36
CA ARG A 31 -1.10 3.97 3.61
C ARG A 31 0.30 4.40 3.24
N TRP A 32 0.81 5.39 3.98
CA TRP A 32 2.14 5.88 3.76
C TRP A 32 3.14 5.12 4.66
N LEU A 33 2.64 4.49 5.73
CA LEU A 33 3.37 3.66 6.67
C LEU A 33 2.48 2.45 7.10
N PRO A 34 3.03 1.26 7.45
CA PRO A 34 2.16 0.17 7.90
C PRO A 34 1.47 0.52 9.21
N ALA A 35 0.24 0.04 9.39
CA ALA A 35 -0.60 0.29 10.57
C ALA A 35 -0.12 -0.33 11.86
N GLU A 36 -0.18 0.45 12.94
CA GLU A 36 0.20 0.01 14.27
C GLU A 36 -1.02 -0.25 15.11
N TYR A 37 -1.40 -1.54 15.22
CA TYR A 37 -2.52 -2.04 16.01
C TYR A 37 -1.97 -2.89 17.13
N GLU A 38 -2.75 -2.97 18.20
CA GLU A 38 -2.46 -3.70 19.43
C GLU A 38 -2.19 -5.18 19.15
N ASP A 39 -2.98 -5.79 18.26
CA ASP A 39 -2.89 -7.22 17.88
C ASP A 39 -2.22 -7.39 16.53
N GLY A 40 -1.69 -6.30 15.99
CA GLY A 40 -0.98 -6.28 14.72
C GLY A 40 -1.83 -6.02 13.51
N PHE A 41 -3.13 -6.35 13.57
CA PHE A 41 -4.03 -6.23 12.42
C PHE A 41 -5.38 -5.49 12.64
N SER A 42 -5.99 -5.49 13.85
CA SER A 42 -7.30 -4.83 14.01
C SER A 42 -7.57 -3.98 15.25
N LEU A 43 -7.17 -4.45 16.41
CA LEU A 43 -7.42 -3.76 17.67
C LEU A 43 -6.55 -2.51 17.84
N PRO A 44 -7.19 -1.35 18.14
CA PRO A 44 -6.41 -0.11 18.35
C PRO A 44 -5.65 -0.08 19.68
N TYR A 45 -4.54 0.67 19.75
CA TYR A 45 -3.81 0.83 21.01
C TYR A 45 -4.75 1.57 21.96
N GLY A 46 -4.92 1.00 23.15
CA GLY A 46 -5.83 1.53 24.16
C GLY A 46 -7.04 0.63 24.39
N TRP A 47 -7.26 -0.34 23.49
CA TRP A 47 -8.37 -1.29 23.56
C TRP A 47 -8.26 -2.17 24.80
N THR A 48 -7.14 -2.91 24.95
CA THR A 48 -6.91 -3.79 26.08
C THR A 48 -6.18 -3.07 27.23
N PRO A 49 -6.77 -3.12 28.46
CA PRO A 49 -6.11 -2.50 29.61
C PRO A 49 -4.80 -3.20 29.95
N GLY A 50 -3.79 -2.40 30.26
CA GLY A 50 -2.47 -2.88 30.62
C GLY A 50 -1.53 -3.21 29.48
N VAL A 51 -2.03 -3.15 28.24
CA VAL A 51 -1.19 -3.38 27.07
C VAL A 51 -0.46 -2.07 26.76
N LYS A 52 0.88 -2.08 26.87
CA LYS A 52 1.63 -0.86 26.62
C LYS A 52 1.90 -0.67 25.13
N ARG A 53 2.21 0.56 24.70
CA ARG A 53 2.57 0.86 23.32
C ARG A 53 4.02 1.29 23.35
N ASN A 54 4.90 0.53 22.66
CA ASN A 54 6.34 0.78 22.56
C ASN A 54 6.98 1.04 23.97
N GLY A 55 6.62 0.21 24.95
CA GLY A 55 7.14 0.33 26.30
C GLY A 55 6.55 1.35 27.25
N PHE A 56 5.37 1.90 26.96
CA PHE A 56 4.72 2.89 27.83
C PHE A 56 3.20 2.73 27.83
N PRO A 57 2.48 3.07 28.94
CA PRO A 57 1.01 2.94 28.93
C PRO A 57 0.35 3.94 28.00
N VAL A 58 -0.87 3.59 27.55
CA VAL A 58 -1.61 4.45 26.62
C VAL A 58 -2.43 5.48 27.39
N ALA A 59 -2.07 6.75 27.22
CA ALA A 59 -2.75 7.90 27.80
C ALA A 59 -4.14 8.05 27.16
N LEU A 60 -5.18 8.29 27.98
CA LEU A 60 -6.55 8.54 27.51
C LEU A 60 -6.60 9.85 26.64
N ALA A 61 -7.18 9.76 25.44
CA ALA A 61 -7.29 10.92 24.55
C ALA A 61 -7.86 12.15 25.29
N ARG A 62 -8.88 11.91 26.15
CA ARG A 62 -9.50 12.95 26.97
C ARG A 62 -8.48 13.56 27.98
N ALA A 63 -7.65 12.70 28.63
CA ALA A 63 -6.59 13.13 29.56
C ALA A 63 -5.61 14.07 28.82
N VAL A 64 -5.20 13.69 27.62
CA VAL A 64 -4.30 14.51 26.79
C VAL A 64 -4.98 15.86 26.45
N SER A 65 -6.27 15.79 26.05
CA SER A 65 -7.09 16.97 25.73
C SER A 65 -7.10 17.91 26.96
N ASN A 66 -7.38 17.35 28.14
CA ASN A 66 -7.43 18.05 29.44
C ASN A 66 -6.15 18.77 29.78
N GLU A 67 -5.01 18.09 29.59
CA GLU A 67 -3.69 18.59 29.99
C GLU A 67 -2.92 19.40 28.99
N ILE A 68 -3.12 19.17 27.69
CA ILE A 68 -2.32 19.87 26.69
C ILE A 68 -3.16 20.88 25.89
N VAL A 69 -4.37 20.45 25.45
CA VAL A 69 -5.24 21.26 24.60
C VAL A 69 -5.81 22.45 25.36
N ARG A 70 -6.48 22.16 26.50
CA ARG A 70 -7.19 23.11 27.39
C ARG A 70 -6.55 24.46 27.57
N PHE A 71 -7.37 25.52 27.42
CA PHE A 71 -7.00 26.91 27.64
C PHE A 71 -8.24 27.76 27.93
N PRO A 72 -8.15 28.88 28.71
CA PRO A 72 -9.35 29.70 28.98
C PRO A 72 -9.82 30.53 27.75
N THR A 73 -11.09 30.33 27.38
CA THR A 73 -11.79 30.93 26.22
C THR A 73 -11.54 32.44 25.98
N ASP A 74 -11.34 33.22 27.05
CA ASP A 74 -11.08 34.66 27.02
C ASP A 74 -9.63 35.01 26.61
N GLN A 75 -8.65 34.14 26.92
CA GLN A 75 -7.23 34.33 26.62
C GLN A 75 -6.90 34.22 25.10
N LEU A 76 -7.88 33.74 24.29
CA LEU A 76 -7.79 33.56 22.84
C LEU A 76 -7.05 34.68 22.12
N THR A 77 -6.00 34.30 21.39
CA THR A 77 -5.18 35.19 20.59
C THR A 77 -5.75 35.19 19.17
N PRO A 78 -6.24 36.33 18.65
CA PRO A 78 -6.73 36.33 17.26
C PRO A 78 -5.56 36.44 16.25
N ASP A 79 -5.75 35.82 15.07
CA ASP A 79 -4.76 35.84 14.01
C ASP A 79 -4.74 37.22 13.40
N GLN A 80 -3.56 37.87 13.45
CA GLN A 80 -3.40 39.20 12.89
C GLN A 80 -3.45 39.16 11.34
N GLU A 81 -2.92 38.05 10.74
CA GLU A 81 -2.84 37.87 9.28
C GLU A 81 -3.75 36.82 8.61
N ARG A 82 -4.87 36.41 9.24
CA ARG A 82 -5.78 35.41 8.63
C ARG A 82 -7.23 35.61 9.05
N SER A 83 -8.16 35.70 8.06
CA SER A 83 -9.59 35.81 8.35
C SER A 83 -10.18 34.45 8.74
N LEU A 84 -11.42 34.41 9.27
CA LEU A 84 -12.08 33.15 9.62
C LEU A 84 -12.44 32.35 8.36
N MET A 85 -12.52 33.04 7.21
CA MET A 85 -12.76 32.44 5.89
C MET A 85 -11.66 31.36 5.64
N PHE A 86 -10.42 31.61 6.16
CA PHE A 86 -9.28 30.72 6.09
C PHE A 86 -9.55 29.43 6.92
N MET A 87 -10.26 29.52 8.10
CA MET A 87 -10.64 28.38 8.99
C MET A 87 -12.05 27.88 8.66
N GLN A 88 -12.37 27.95 7.34
CA GLN A 88 -13.65 27.63 6.76
C GLN A 88 -13.51 27.12 5.36
N TRP A 89 -12.59 27.70 4.58
CA TRP A 89 -12.28 27.16 3.26
C TRP A 89 -11.65 25.78 3.53
N GLY A 90 -10.77 25.72 4.54
CA GLY A 90 -10.17 24.49 5.01
C GLY A 90 -11.18 23.38 5.23
N GLN A 91 -12.28 23.66 5.99
CA GLN A 91 -13.34 22.68 6.20
C GLN A 91 -14.10 22.37 4.91
N LEU A 92 -14.39 23.39 4.09
CA LEU A 92 -15.05 23.18 2.80
C LEU A 92 -14.16 22.25 1.95
N LEU A 93 -12.85 22.61 1.81
CA LEU A 93 -11.82 21.85 1.09
C LEU A 93 -11.77 20.39 1.55
N ASP A 94 -11.68 20.19 2.88
CA ASP A 94 -11.65 18.88 3.53
C ASP A 94 -12.79 17.98 3.06
N HIS A 95 -13.96 18.59 2.79
CA HIS A 95 -15.17 17.90 2.41
C HIS A 95 -15.27 17.61 0.93
N ASP A 96 -14.24 18.05 0.17
CA ASP A 96 -14.13 17.78 -1.26
C ASP A 96 -13.18 16.59 -1.40
N LEU A 97 -12.36 16.35 -0.36
CA LEU A 97 -11.31 15.34 -0.33
C LEU A 97 -11.61 14.05 0.41
N ASP A 98 -11.98 14.14 1.70
CA ASP A 98 -12.18 12.93 2.47
C ASP A 98 -13.34 12.95 3.44
N PHE A 99 -14.01 11.79 3.52
CA PHE A 99 -15.10 11.48 4.46
C PHE A 99 -14.97 10.03 4.83
N THR A 100 -14.69 9.74 6.12
CA THR A 100 -14.53 8.37 6.63
C THR A 100 -15.83 7.83 7.22
N PRO A 101 -16.59 6.97 6.50
CA PRO A 101 -17.84 6.44 7.08
C PRO A 101 -17.63 5.55 8.31
N GLU A 102 -18.60 5.60 9.21
CA GLU A 102 -18.65 4.75 10.39
C GLU A 102 -20.02 4.01 10.39
N PRO A 103 -20.23 2.92 11.16
CA PRO A 103 -21.54 2.25 11.12
C PRO A 103 -22.57 2.96 11.99
N ASN B 2 -24.46 0.39 19.09
CA ASN B 2 -24.87 0.78 20.45
C ASN B 2 -24.12 2.01 21.07
N CYS B 3 -23.05 2.49 20.38
CA CYS B 3 -22.11 3.56 20.74
C CYS B 3 -22.71 4.86 21.26
N GLU B 4 -23.79 5.34 20.62
CA GLU B 4 -24.57 6.54 20.97
C GLU B 4 -24.92 6.59 22.46
N THR B 5 -25.37 5.44 23.03
CA THR B 5 -25.77 5.33 24.43
C THR B 5 -24.79 4.56 25.35
N SER B 6 -24.46 3.29 25.02
CA SER B 6 -23.60 2.39 25.81
C SER B 6 -22.17 2.86 26.09
N CYS B 7 -21.57 2.34 27.18
CA CYS B 7 -20.19 2.63 27.59
C CYS B 7 -19.34 1.40 27.49
N VAL B 8 -19.95 0.29 27.07
CA VAL B 8 -19.27 -0.98 26.91
C VAL B 8 -18.40 -0.93 25.65
N GLN B 9 -17.17 -1.44 25.77
CA GLN B 9 -16.23 -1.51 24.66
C GLN B 9 -16.36 -2.88 23.99
N GLN B 10 -17.39 -3.00 23.16
CA GLN B 10 -17.73 -4.14 22.31
C GLN B 10 -17.83 -3.57 20.88
N PRO B 11 -17.35 -4.29 19.84
CA PRO B 11 -17.45 -3.75 18.46
C PRO B 11 -18.85 -3.29 18.06
N PRO B 12 -19.01 -2.22 17.27
CA PRO B 12 -17.98 -1.34 16.68
C PRO B 12 -17.68 -0.10 17.54
N CYS B 13 -17.89 -0.20 18.88
CA CYS B 13 -17.76 0.90 19.81
C CYS B 13 -16.42 0.94 20.40
N PHE B 14 -15.79 2.12 20.43
CA PHE B 14 -14.49 2.36 21.08
C PHE B 14 -14.64 3.66 21.87
N PRO B 15 -15.37 3.61 23.01
CA PRO B 15 -15.61 4.84 23.75
C PRO B 15 -14.40 5.31 24.53
N LEU B 16 -14.25 6.64 24.56
CA LEU B 16 -13.17 7.36 25.23
C LEU B 16 -13.52 7.32 26.71
N LYS B 17 -12.71 6.62 27.54
CA LYS B 17 -12.90 6.53 29.00
C LYS B 17 -12.67 7.92 29.66
N ILE B 18 -13.16 8.11 30.89
CA ILE B 18 -13.05 9.40 31.60
C ILE B 18 -11.94 9.38 32.65
N PRO B 19 -10.96 10.31 32.54
CA PRO B 19 -9.91 10.38 33.57
C PRO B 19 -10.44 10.92 34.91
N PRO B 20 -9.77 10.62 36.05
CA PRO B 20 -10.23 11.22 37.33
C PRO B 20 -10.00 12.73 37.33
N ASN B 21 -10.85 13.47 38.05
CA ASN B 21 -10.78 14.94 38.14
C ASN B 21 -10.86 15.60 36.75
N ASP B 22 -11.77 15.11 35.91
CA ASP B 22 -12.00 15.68 34.58
C ASP B 22 -12.76 17.00 34.82
N PRO B 23 -12.47 18.08 34.05
CA PRO B 23 -13.16 19.37 34.30
C PRO B 23 -14.68 19.44 34.08
N ARG B 24 -15.25 18.48 33.34
CA ARG B 24 -16.67 18.48 33.02
C ARG B 24 -17.39 17.19 33.42
N ILE B 25 -16.82 16.02 33.07
CA ILE B 25 -17.45 14.73 33.34
C ILE B 25 -16.93 14.18 34.66
N LYS B 26 -17.76 14.30 35.70
CA LYS B 26 -17.37 13.85 37.05
C LYS B 26 -17.72 12.38 37.31
N ASN B 27 -18.70 11.85 36.58
CA ASN B 27 -19.07 10.45 36.67
C ASN B 27 -18.08 9.69 35.80
N GLN B 28 -17.22 8.87 36.44
CA GLN B 28 -16.21 8.10 35.72
C GLN B 28 -16.75 6.83 35.09
N ALA B 29 -18.02 6.48 35.36
CA ALA B 29 -18.69 5.31 34.76
C ALA B 29 -19.25 5.72 33.39
N ASP B 30 -19.30 7.04 33.11
CA ASP B 30 -19.71 7.61 31.84
C ASP B 30 -18.50 7.59 30.87
N CYS B 31 -18.68 8.10 29.63
CA CYS B 31 -17.64 8.12 28.58
C CYS B 31 -18.03 9.09 27.48
N ILE B 32 -17.19 9.14 26.44
CA ILE B 32 -17.45 9.91 25.22
C ILE B 32 -17.77 8.91 24.07
N PRO B 33 -18.94 9.04 23.40
CA PRO B 33 -19.28 8.08 22.33
C PRO B 33 -18.37 8.13 21.09
N PHE B 34 -18.02 6.94 20.60
CA PHE B 34 -17.15 6.80 19.44
C PHE B 34 -17.42 5.50 18.73
N PHE B 35 -17.69 5.58 17.42
CA PHE B 35 -17.91 4.44 16.54
C PHE B 35 -16.62 4.20 15.77
N ARG B 36 -16.12 2.97 15.76
CA ARG B 36 -14.92 2.67 14.99
C ARG B 36 -15.25 2.82 13.51
N SER B 37 -14.42 3.56 12.77
CA SER B 37 -14.58 3.76 11.34
C SER B 37 -14.77 2.41 10.65
N CYS B 38 -15.59 2.37 9.60
CA CYS B 38 -15.89 1.13 8.88
C CYS B 38 -14.62 0.46 8.31
N PRO B 39 -14.37 -0.84 8.59
CA PRO B 39 -13.21 -1.50 7.98
C PRO B 39 -13.43 -1.71 6.47
N ALA B 40 -12.36 -1.53 5.66
CA ALA B 40 -12.44 -1.73 4.20
C ALA B 40 -12.73 -3.21 3.89
N CYS B 41 -12.34 -4.10 4.81
CA CYS B 41 -12.54 -5.52 4.67
C CYS B 41 -13.11 -6.12 5.96
N PRO B 42 -14.45 -6.11 6.13
CA PRO B 42 -15.05 -6.58 7.38
C PRO B 42 -14.81 -8.04 7.69
N GLY B 43 -14.61 -8.28 8.99
CA GLY B 43 -14.39 -9.57 9.61
C GLY B 43 -13.14 -10.33 9.21
N SER B 44 -12.17 -9.68 8.49
CA SER B 44 -10.96 -10.36 8.03
C SER B 44 -9.95 -10.73 9.10
N ASN B 45 -8.95 -11.54 8.74
CA ASN B 45 -7.87 -12.03 9.61
C ASN B 45 -6.61 -12.28 8.76
N ILE B 46 -6.66 -11.82 7.48
CA ILE B 46 -5.58 -11.87 6.50
C ILE B 46 -5.03 -10.45 6.28
N THR B 47 -5.93 -9.47 6.25
CA THR B 47 -5.55 -8.09 5.93
C THR B 47 -5.51 -7.22 7.16
N ILE B 48 -4.53 -6.30 7.20
CA ILE B 48 -4.39 -5.31 8.27
C ILE B 48 -5.53 -4.26 8.09
N ARG B 49 -6.29 -3.99 9.16
CA ARG B 49 -7.40 -3.06 9.12
C ARG B 49 -7.03 -1.76 8.42
N ASN B 50 -7.91 -1.35 7.49
CA ASN B 50 -7.82 -0.07 6.79
C ASN B 50 -9.22 0.52 6.72
N GLN B 51 -9.29 1.83 6.51
CA GLN B 51 -10.55 2.58 6.46
C GLN B 51 -10.87 3.06 5.07
N ILE B 52 -12.14 3.46 4.87
CA ILE B 52 -12.68 3.90 3.58
C ILE B 52 -12.85 5.42 3.46
N ASN B 53 -12.62 5.94 2.25
CA ASN B 53 -12.93 7.32 1.88
C ASN B 53 -14.19 7.19 1.01
N ALA B 54 -15.31 7.76 1.47
CA ALA B 54 -16.57 7.69 0.74
C ALA B 54 -16.69 8.74 -0.40
N LEU B 55 -15.68 9.62 -0.53
CA LEU B 55 -15.64 10.71 -1.51
C LEU B 55 -14.51 10.59 -2.50
N THR B 56 -14.57 11.39 -3.58
CA THR B 56 -13.52 11.45 -4.60
C THR B 56 -12.39 12.26 -4.00
N SER B 57 -11.16 11.78 -4.09
CA SER B 57 -10.01 12.46 -3.50
C SER B 57 -9.72 13.79 -4.16
N PHE B 58 -10.07 13.93 -5.45
CA PHE B 58 -9.82 15.13 -6.23
C PHE B 58 -10.57 16.33 -5.71
N VAL B 59 -10.00 17.51 -6.02
CA VAL B 59 -10.60 18.82 -5.76
C VAL B 59 -11.41 19.03 -7.04
N ASP B 60 -12.60 18.43 -7.03
CA ASP B 60 -13.51 18.41 -8.17
C ASP B 60 -14.88 18.94 -7.78
N ALA B 61 -14.92 19.72 -6.65
CA ALA B 61 -16.14 20.28 -6.06
C ALA B 61 -17.21 19.19 -5.82
N SER B 62 -16.78 18.00 -5.39
CA SER B 62 -17.66 16.87 -5.09
C SER B 62 -18.58 17.19 -3.89
N MET B 63 -18.22 18.18 -3.04
CA MET B 63 -19.13 18.56 -1.94
C MET B 63 -20.36 19.36 -2.44
N VAL B 64 -20.33 19.79 -3.73
CA VAL B 64 -21.40 20.48 -4.45
C VAL B 64 -22.19 19.44 -5.24
N TYR B 65 -21.51 18.70 -6.14
CA TYR B 65 -22.07 17.72 -7.07
C TYR B 65 -22.33 16.29 -6.58
N GLY B 66 -21.58 15.84 -5.58
CA GLY B 66 -21.66 14.48 -5.07
C GLY B 66 -20.56 13.57 -5.59
N SER B 67 -20.37 12.43 -4.91
CA SER B 67 -19.37 11.41 -5.22
C SER B 67 -20.01 10.06 -5.61
N GLU B 68 -21.35 9.99 -5.58
CA GLU B 68 -22.15 8.79 -5.95
C GLU B 68 -23.19 9.22 -6.99
N GLU B 69 -23.40 8.40 -8.06
CA GLU B 69 -24.35 8.70 -9.15
C GLU B 69 -25.81 8.98 -8.72
N PRO B 70 -26.43 8.18 -7.82
CA PRO B 70 -27.82 8.50 -7.42
C PRO B 70 -27.97 9.89 -6.80
N LEU B 71 -27.09 10.25 -5.82
CA LEU B 71 -27.11 11.57 -5.18
C LEU B 71 -26.92 12.69 -6.22
N ALA B 72 -25.89 12.56 -7.04
CA ALA B 72 -25.55 13.52 -8.09
C ALA B 72 -26.74 13.86 -8.99
N ARG B 73 -27.61 12.85 -9.26
CA ARG B 73 -28.84 12.99 -10.02
C ARG B 73 -29.82 13.78 -9.15
N ASN B 74 -30.11 13.30 -7.91
CA ASN B 74 -31.00 13.93 -6.94
C ASN B 74 -30.60 15.37 -6.55
N LEU B 75 -29.43 15.84 -6.98
CA LEU B 75 -28.99 17.20 -6.66
C LEU B 75 -29.29 18.20 -7.76
N ARG B 76 -29.58 17.71 -8.96
CA ARG B 76 -29.89 18.52 -10.13
C ARG B 76 -31.38 18.83 -10.24
N ASN B 77 -31.71 19.86 -11.07
CA ASN B 77 -33.07 20.22 -11.45
C ASN B 77 -33.25 19.54 -12.83
N MET B 78 -33.91 18.36 -12.78
CA MET B 78 -34.16 17.49 -13.94
C MET B 78 -35.48 17.85 -14.64
N SER B 79 -36.21 18.86 -14.13
CA SER B 79 -37.49 19.33 -14.67
C SER B 79 -37.38 20.25 -15.91
N ASN B 80 -36.15 20.45 -16.45
CA ASN B 80 -35.84 21.27 -17.63
C ASN B 80 -34.41 21.00 -18.16
N GLN B 81 -34.12 21.51 -19.38
CA GLN B 81 -32.81 21.38 -20.03
C GLN B 81 -31.96 22.64 -19.83
N LEU B 82 -32.09 23.26 -18.64
CA LEU B 82 -31.36 24.47 -18.24
C LEU B 82 -30.01 24.16 -17.54
N GLY B 83 -29.78 22.89 -17.20
CA GLY B 83 -28.57 22.40 -16.55
C GLY B 83 -28.25 23.02 -15.21
N LEU B 84 -29.27 23.17 -14.34
CA LEU B 84 -29.15 23.77 -13.02
C LEU B 84 -29.22 22.72 -11.88
N LEU B 85 -28.71 23.10 -10.68
CA LEU B 85 -28.75 22.32 -9.45
C LEU B 85 -30.03 22.71 -8.70
N ALA B 86 -30.87 21.72 -8.34
CA ALA B 86 -32.13 21.92 -7.60
C ALA B 86 -31.97 22.81 -6.34
N VAL B 87 -32.96 23.69 -6.12
CA VAL B 87 -32.95 24.61 -4.96
C VAL B 87 -34.12 24.33 -4.01
N ASN B 88 -34.06 24.91 -2.79
CA ASN B 88 -35.11 24.75 -1.77
C ASN B 88 -36.41 25.35 -2.32
N GLN B 89 -37.49 24.56 -2.29
CA GLN B 89 -38.81 24.95 -2.77
C GLN B 89 -39.70 25.51 -1.65
N ARG B 90 -39.25 25.42 -0.37
CA ARG B 90 -39.97 25.92 0.79
C ARG B 90 -39.46 27.31 1.21
N PHE B 91 -38.17 27.65 0.94
CA PHE B 91 -37.58 28.94 1.36
C PHE B 91 -36.56 29.56 0.40
N GLN B 92 -36.27 30.87 0.60
CA GLN B 92 -35.29 31.65 -0.14
C GLN B 92 -34.67 32.70 0.79
N ASP B 93 -33.43 33.16 0.47
CA ASP B 93 -32.69 34.19 1.24
C ASP B 93 -32.70 35.51 0.45
N ASN B 94 -33.68 36.40 0.78
CA ASN B 94 -33.89 37.73 0.14
C ASN B 94 -33.99 37.60 -1.41
N GLY B 95 -34.75 36.61 -1.86
CA GLY B 95 -34.91 36.32 -3.28
C GLY B 95 -33.95 35.26 -3.77
N ARG B 96 -32.69 35.33 -3.30
CA ARG B 96 -31.61 34.40 -3.62
C ARG B 96 -31.79 32.97 -3.09
N ALA B 97 -31.29 32.01 -3.90
CA ALA B 97 -31.34 30.55 -3.75
C ALA B 97 -30.78 29.95 -2.44
N LEU B 98 -31.39 28.81 -1.99
CA LEU B 98 -31.01 28.04 -0.80
C LEU B 98 -30.98 26.52 -1.13
N LEU B 99 -30.05 25.75 -0.50
CA LEU B 99 -29.89 24.30 -0.70
C LEU B 99 -31.18 23.55 -0.33
N PRO B 100 -31.61 22.48 -1.07
CA PRO B 100 -32.86 21.80 -0.67
C PRO B 100 -32.75 21.12 0.70
N PHE B 101 -33.91 20.83 1.32
CA PHE B 101 -33.93 20.13 2.60
C PHE B 101 -33.65 18.65 2.36
N ASP B 102 -33.19 17.94 3.41
CA ASP B 102 -32.86 16.54 3.30
C ASP B 102 -33.76 15.71 4.16
N ASN B 103 -34.34 14.69 3.55
CA ASN B 103 -35.21 13.75 4.21
C ASN B 103 -34.32 12.75 4.99
N LEU B 104 -34.15 13.00 6.30
CA LEU B 104 -33.37 12.11 7.17
C LEU B 104 -34.28 11.47 8.20
N HIS B 105 -33.99 10.22 8.53
CA HIS B 105 -34.74 9.47 9.53
C HIS B 105 -34.56 10.06 10.95
N ASP B 106 -33.31 10.30 11.38
CA ASP B 106 -33.07 10.88 12.71
C ASP B 106 -32.39 12.27 12.64
N ASP B 107 -32.96 13.18 11.80
CA ASP B 107 -32.50 14.56 11.54
C ASP B 107 -32.04 15.39 12.77
N PRO B 108 -30.73 15.68 12.88
CA PRO B 108 -30.23 16.46 14.03
C PRO B 108 -30.53 17.97 14.00
N CYS B 109 -30.78 18.54 12.80
CA CYS B 109 -31.08 19.96 12.68
C CYS B 109 -32.40 20.40 13.34
N LEU B 110 -33.37 19.49 13.42
CA LEU B 110 -34.65 19.73 14.09
C LEU B 110 -34.46 19.89 15.64
N LEU B 111 -33.41 19.27 16.18
CA LEU B 111 -33.10 19.29 17.62
C LEU B 111 -32.46 20.60 18.13
N THR B 112 -31.92 21.44 17.22
CA THR B 112 -31.28 22.72 17.54
C THR B 112 -32.26 23.82 18.00
N ASN B 113 -33.47 23.80 17.43
CA ASN B 113 -34.61 24.63 17.75
C ASN B 113 -35.83 23.81 17.37
N ARG B 114 -36.47 23.20 18.41
CA ARG B 114 -37.63 22.31 18.31
C ARG B 114 -38.86 22.95 17.65
N SER B 115 -39.15 24.21 18.03
CA SER B 115 -40.29 24.99 17.55
C SER B 115 -40.17 25.43 16.09
N ALA B 116 -38.93 25.69 15.62
CA ALA B 116 -38.69 26.16 14.25
C ALA B 116 -39.00 25.13 13.16
N ARG B 117 -38.94 23.81 13.46
CA ARG B 117 -39.20 22.72 12.50
C ARG B 117 -38.42 22.82 11.16
N ILE B 118 -37.13 23.24 11.23
CA ILE B 118 -36.21 23.36 10.08
C ILE B 118 -35.21 22.17 10.03
N PRO B 119 -35.23 21.36 8.94
CA PRO B 119 -34.33 20.21 8.85
C PRO B 119 -32.95 20.51 8.24
N CYS B 120 -32.13 19.45 8.06
CA CYS B 120 -30.80 19.50 7.46
C CYS B 120 -30.90 19.76 5.97
N PHE B 121 -29.84 20.31 5.39
CA PHE B 121 -29.77 20.56 3.96
C PHE B 121 -29.22 19.34 3.21
N LEU B 122 -29.44 19.30 1.88
CA LEU B 122 -28.94 18.25 0.99
C LEU B 122 -27.94 18.88 0.04
N ALA B 123 -26.67 18.45 0.12
CA ALA B 123 -25.61 18.95 -0.75
C ALA B 123 -24.76 17.79 -1.30
N GLY B 124 -23.69 18.10 -2.04
CA GLY B 124 -22.78 17.09 -2.59
C GLY B 124 -22.11 16.24 -1.51
N ASP B 125 -22.06 16.80 -0.28
CA ASP B 125 -21.52 16.13 0.90
C ASP B 125 -22.53 16.15 2.06
N THR B 126 -22.59 15.04 2.80
CA THR B 126 -23.46 14.78 3.94
C THR B 126 -23.29 15.70 5.17
N ARG B 127 -22.21 16.50 5.22
CA ARG B 127 -21.93 17.33 6.40
C ARG B 127 -22.28 18.83 6.25
N SER B 128 -23.05 19.18 5.20
CA SER B 128 -23.48 20.53 4.82
C SER B 128 -24.04 21.40 5.95
N SER B 129 -24.92 20.85 6.79
CA SER B 129 -25.57 21.57 7.88
C SER B 129 -24.78 21.58 9.23
N GLU B 130 -23.52 21.12 9.24
CA GLU B 130 -22.73 21.04 10.48
C GLU B 130 -22.52 22.39 11.21
N MET B 131 -22.19 23.44 10.46
CA MET B 131 -22.07 24.80 10.96
C MET B 131 -22.59 25.79 9.91
N PRO B 132 -23.40 26.80 10.30
CA PRO B 132 -23.96 27.76 9.32
C PRO B 132 -22.95 28.35 8.34
N GLU B 133 -21.72 28.60 8.81
CA GLU B 133 -20.58 29.10 8.01
C GLU B 133 -20.28 28.15 6.84
N LEU B 134 -20.40 26.84 7.09
CA LEU B 134 -20.17 25.81 6.10
C LEU B 134 -21.31 25.81 5.08
N THR B 135 -22.58 25.80 5.56
CA THR B 135 -23.80 25.87 4.75
C THR B 135 -23.79 27.13 3.86
N SER B 136 -23.15 28.22 4.30
CA SER B 136 -23.04 29.46 3.54
C SER B 136 -22.20 29.23 2.30
N MET B 137 -20.98 28.66 2.50
CA MET B 137 -20.03 28.31 1.43
C MET B 137 -20.66 27.35 0.42
N HIS B 138 -21.44 26.41 0.96
CA HIS B 138 -22.16 25.46 0.15
C HIS B 138 -23.18 26.23 -0.72
N THR B 139 -24.03 27.09 -0.09
CA THR B 139 -25.07 27.87 -0.77
C THR B 139 -24.48 28.84 -1.78
N LEU B 140 -23.34 29.46 -1.44
CA LEU B 140 -22.61 30.37 -2.35
C LEU B 140 -22.22 29.60 -3.61
N LEU B 141 -21.68 28.36 -3.46
CA LEU B 141 -21.27 27.54 -4.61
C LEU B 141 -22.44 27.02 -5.46
N LEU B 142 -23.58 26.67 -4.83
CA LEU B 142 -24.84 26.22 -5.48
C LEU B 142 -25.34 27.35 -6.39
N ARG B 143 -25.36 28.58 -5.84
CA ARG B 143 -25.76 29.79 -6.56
C ARG B 143 -24.79 30.04 -7.71
N GLU B 144 -23.48 29.81 -7.48
CA GLU B 144 -22.47 30.00 -8.51
C GLU B 144 -22.66 29.08 -9.72
N HIS B 145 -22.95 27.75 -9.50
CA HIS B 145 -23.22 26.80 -10.59
C HIS B 145 -24.38 27.32 -11.49
N ASN B 146 -25.57 27.61 -10.87
CA ASN B 146 -26.78 28.13 -11.54
C ASN B 146 -26.53 29.49 -12.19
N ARG B 147 -25.59 30.28 -11.62
CA ARG B 147 -25.18 31.59 -12.17
C ARG B 147 -24.45 31.32 -13.48
N LEU B 148 -23.32 30.57 -13.42
CA LEU B 148 -22.51 30.17 -14.58
C LEU B 148 -23.30 29.40 -15.66
N ALA B 149 -24.34 28.60 -15.27
CA ALA B 149 -25.18 27.82 -16.20
C ALA B 149 -26.19 28.67 -17.02
N THR B 150 -26.66 29.80 -16.45
CA THR B 150 -27.60 30.72 -17.10
C THR B 150 -26.84 31.69 -18.00
N GLU B 151 -25.60 32.04 -17.60
CA GLU B 151 -24.66 32.87 -18.37
C GLU B 151 -24.23 32.09 -19.66
N LEU B 152 -24.10 30.75 -19.54
CA LEU B 152 -23.72 29.86 -20.63
C LEU B 152 -24.90 29.57 -21.59
N LYS B 153 -26.15 29.47 -21.07
CA LYS B 153 -27.34 29.24 -21.90
C LYS B 153 -27.59 30.45 -22.80
N SER B 154 -27.38 31.68 -22.26
CA SER B 154 -27.54 32.92 -23.02
C SER B 154 -26.49 33.00 -24.14
N LEU B 155 -25.23 32.56 -23.86
CA LEU B 155 -24.12 32.52 -24.81
C LEU B 155 -24.37 31.44 -25.89
N ASN B 156 -24.66 30.19 -25.45
CA ASN B 156 -24.89 29.01 -26.30
C ASN B 156 -26.31 28.42 -26.02
N PRO B 157 -27.36 28.96 -26.68
CA PRO B 157 -28.73 28.48 -26.42
C PRO B 157 -29.01 27.07 -26.92
N ARG B 158 -28.21 26.60 -27.92
CA ARG B 158 -28.32 25.28 -28.51
C ARG B 158 -28.00 24.17 -27.50
N TRP B 159 -27.01 24.41 -26.60
CA TRP B 159 -26.58 23.50 -25.54
C TRP B 159 -27.73 23.01 -24.64
N ASP B 160 -27.78 21.70 -24.38
CA ASP B 160 -28.80 21.06 -23.55
C ASP B 160 -28.41 21.07 -22.05
N GLY B 161 -29.30 20.55 -21.20
CA GLY B 161 -29.11 20.45 -19.76
C GLY B 161 -27.86 19.71 -19.33
N GLU B 162 -27.41 18.74 -20.15
CA GLU B 162 -26.21 17.95 -19.88
C GLU B 162 -24.94 18.78 -20.05
N ARG B 163 -24.80 19.48 -21.18
CA ARG B 163 -23.64 20.34 -21.47
C ARG B 163 -23.60 21.52 -20.53
N LEU B 164 -24.79 21.98 -20.10
CA LEU B 164 -24.92 23.13 -19.21
C LEU B 164 -24.41 22.79 -17.82
N TYR B 165 -24.87 21.64 -17.30
CA TYR B 165 -24.47 21.10 -16.00
C TYR B 165 -22.98 20.85 -15.97
N GLN B 166 -22.50 20.05 -16.95
CA GLN B 166 -21.11 19.67 -17.09
C GLN B 166 -20.16 20.84 -17.17
N GLU B 167 -20.40 21.75 -18.14
CA GLU B 167 -19.58 22.95 -18.36
C GLU B 167 -19.50 23.85 -17.13
N ALA B 168 -20.64 24.02 -16.42
CA ALA B 168 -20.70 24.85 -15.20
C ALA B 168 -19.96 24.14 -14.09
N ARG B 169 -20.16 22.79 -13.95
CA ARG B 169 -19.47 21.94 -12.98
C ARG B 169 -17.93 22.05 -13.15
N LYS B 170 -17.49 21.97 -14.42
CA LYS B 170 -16.10 22.06 -14.84
C LYS B 170 -15.50 23.40 -14.42
N ILE B 171 -16.30 24.51 -14.55
CA ILE B 171 -15.89 25.86 -14.18
C ILE B 171 -15.69 25.96 -12.66
N VAL B 172 -16.73 25.57 -11.89
CA VAL B 172 -16.72 25.54 -10.43
C VAL B 172 -15.51 24.71 -9.93
N GLY B 173 -15.33 23.52 -10.55
CA GLY B 173 -14.26 22.58 -10.27
C GLY B 173 -12.87 23.20 -10.34
N ALA B 174 -12.64 24.06 -11.34
CA ALA B 174 -11.41 24.81 -11.56
C ALA B 174 -11.29 25.94 -10.50
N MET B 175 -12.44 26.60 -10.17
CA MET B 175 -12.56 27.72 -9.22
C MET B 175 -12.09 27.32 -7.84
N VAL B 176 -12.46 26.10 -7.42
CA VAL B 176 -12.09 25.50 -6.14
C VAL B 176 -10.59 25.22 -6.14
N GLN B 177 -10.07 24.72 -7.28
CA GLN B 177 -8.64 24.44 -7.45
C GLN B 177 -7.78 25.72 -7.34
N ILE B 178 -8.17 26.79 -8.10
CA ILE B 178 -7.48 28.09 -8.08
C ILE B 178 -7.45 28.74 -6.70
N ILE B 179 -8.60 28.75 -6.00
CA ILE B 179 -8.65 29.30 -4.66
C ILE B 179 -7.73 28.52 -3.71
N THR B 180 -7.76 27.19 -3.84
CA THR B 180 -6.99 26.28 -3.02
C THR B 180 -5.50 26.40 -3.21
N TYR B 181 -5.05 26.30 -4.46
CA TYR B 181 -3.63 26.28 -4.77
C TYR B 181 -2.96 27.62 -4.87
N ARG B 182 -3.70 28.64 -5.32
CA ARG B 182 -3.14 29.99 -5.48
C ARG B 182 -3.21 30.78 -4.18
N ASP B 183 -4.36 30.71 -3.48
CA ASP B 183 -4.61 31.48 -2.27
C ASP B 183 -4.62 30.72 -0.93
N TYR B 184 -5.19 29.51 -0.85
CA TYR B 184 -5.27 28.81 0.43
C TYR B 184 -3.96 28.22 0.93
N LEU B 185 -3.50 27.15 0.27
CA LEU B 185 -2.28 26.40 0.59
C LEU B 185 -1.01 27.23 0.92
N PRO B 186 -0.62 28.29 0.14
CA PRO B 186 0.60 29.05 0.51
C PRO B 186 0.54 29.69 1.90
N LEU B 187 -0.67 30.03 2.36
CA LEU B 187 -0.94 30.62 3.67
C LEU B 187 -1.02 29.55 4.75
N VAL B 188 -1.13 28.27 4.34
CA VAL B 188 -1.16 27.14 5.25
C VAL B 188 0.29 26.68 5.46
N LEU B 189 1.03 26.43 4.36
CA LEU B 189 2.40 25.93 4.38
C LEU B 189 3.50 26.98 4.59
N GLY B 190 3.31 28.17 4.04
CA GLY B 190 4.34 29.18 4.09
C GLY B 190 5.23 29.01 2.86
N PRO B 191 5.96 30.09 2.47
CA PRO B 191 6.80 30.04 1.25
C PRO B 191 7.77 28.89 1.03
N THR B 192 8.57 28.50 2.05
CA THR B 192 9.57 27.43 1.93
C THR B 192 8.96 26.06 1.62
N ALA B 193 7.98 25.62 2.45
CA ALA B 193 7.28 24.34 2.28
C ALA B 193 6.51 24.37 0.97
N MET B 194 6.01 25.57 0.59
CA MET B 194 5.31 25.76 -0.67
C MET B 194 6.24 25.46 -1.85
N ARG B 195 7.49 25.97 -1.80
CA ARG B 195 8.52 25.74 -2.83
C ARG B 195 8.94 24.28 -2.82
N LYS B 196 9.10 23.68 -1.60
CA LYS B 196 9.51 22.30 -1.35
C LYS B 196 8.48 21.29 -1.90
N TYR B 197 7.27 21.21 -1.26
CA TYR B 197 6.21 20.27 -1.59
C TYR B 197 5.34 20.67 -2.79
N LEU B 198 5.30 21.97 -3.16
CA LEU B 198 4.46 22.34 -4.29
C LEU B 198 5.17 23.18 -5.34
N PRO B 199 6.27 22.67 -5.94
CA PRO B 199 6.92 23.45 -7.01
C PRO B 199 6.00 23.59 -8.23
N THR B 200 6.23 24.65 -9.03
CA THR B 200 5.46 24.98 -10.25
C THR B 200 5.03 23.74 -11.02
N TYR B 201 3.71 23.58 -11.18
CA TYR B 201 3.11 22.48 -11.92
C TYR B 201 3.69 22.47 -13.33
N ARG B 202 4.18 21.30 -13.79
CA ARG B 202 4.69 21.12 -15.15
C ARG B 202 3.52 20.55 -15.97
N SER B 203 3.05 19.32 -15.62
CA SER B 203 1.90 18.63 -16.25
C SER B 203 1.44 17.35 -15.49
N TYR B 204 0.33 16.74 -15.96
CA TYR B 204 -0.23 15.52 -15.41
C TYR B 204 0.75 14.37 -15.54
N ASN B 205 0.95 13.69 -14.42
CA ASN B 205 1.75 12.52 -14.29
C ASN B 205 0.83 11.34 -13.99
N ASP B 206 0.65 10.44 -14.96
CA ASP B 206 -0.25 9.29 -14.77
C ASP B 206 0.23 8.27 -13.74
N SER B 207 1.48 8.46 -13.22
CA SER B 207 2.14 7.59 -12.25
C SER B 207 2.15 8.20 -10.85
N VAL B 208 1.18 9.09 -10.57
CA VAL B 208 1.11 9.74 -9.26
C VAL B 208 -0.16 9.26 -8.57
N ASP B 209 -0.04 8.69 -7.36
CA ASP B 209 -1.21 8.17 -6.66
C ASP B 209 -2.05 9.32 -6.06
N PRO B 210 -3.21 9.66 -6.68
CA PRO B 210 -4.03 10.75 -6.17
C PRO B 210 -4.89 10.41 -4.96
N ARG B 211 -4.71 9.24 -4.36
CA ARG B 211 -5.49 8.84 -3.19
C ARG B 211 -5.15 9.58 -1.90
N ILE B 212 -6.14 9.71 -1.03
CA ILE B 212 -5.95 10.33 0.27
C ILE B 212 -5.28 9.30 1.16
N ALA B 213 -4.22 9.71 1.84
CA ALA B 213 -3.51 8.82 2.76
C ALA B 213 -4.30 8.81 4.05
N ASN B 214 -4.36 7.64 4.68
CA ASN B 214 -5.06 7.46 5.94
C ASN B 214 -4.63 8.57 6.96
N VAL B 215 -3.32 8.86 7.05
CA VAL B 215 -2.75 9.93 7.90
C VAL B 215 -3.36 11.34 7.67
N PHE B 216 -3.43 11.79 6.39
CA PHE B 216 -3.98 13.08 5.98
C PHE B 216 -5.31 13.36 6.62
N THR B 217 -6.21 12.35 6.70
CA THR B 217 -7.52 12.48 7.34
C THR B 217 -7.38 13.07 8.75
N ASN B 218 -6.26 12.76 9.42
CA ASN B 218 -6.02 13.24 10.77
C ASN B 218 -5.22 14.51 10.73
N ALA B 219 -4.11 14.51 9.96
CA ALA B 219 -3.21 15.66 9.86
C ALA B 219 -3.95 16.96 9.47
N PHE B 220 -4.85 16.89 8.48
CA PHE B 220 -5.62 18.03 8.00
C PHE B 220 -6.62 18.60 9.02
N ARG B 221 -6.83 17.88 10.15
CA ARG B 221 -7.69 18.35 11.23
C ARG B 221 -6.92 19.40 12.06
N TYR B 222 -5.83 19.96 11.47
CA TYR B 222 -5.00 21.00 12.08
C TYR B 222 -5.87 22.24 12.21
N GLY B 223 -6.84 22.34 11.29
CA GLY B 223 -7.80 23.44 11.15
C GLY B 223 -8.60 23.68 12.40
N HIS B 224 -8.75 22.65 13.25
CA HIS B 224 -9.45 22.72 14.52
C HIS B 224 -8.83 23.74 15.47
N THR B 225 -7.58 24.12 15.25
CA THR B 225 -6.84 25.12 16.02
C THR B 225 -7.22 26.55 15.54
N LEU B 226 -7.68 26.67 14.29
CA LEU B 226 -8.11 27.90 13.62
C LEU B 226 -9.58 28.28 13.96
N ILE B 227 -10.33 27.37 14.58
CA ILE B 227 -11.74 27.57 14.96
C ILE B 227 -11.88 28.64 16.05
N GLN B 228 -12.78 29.63 15.82
CA GLN B 228 -13.14 30.71 16.77
C GLN B 228 -14.35 30.22 17.59
N PRO B 229 -14.55 30.65 18.87
CA PRO B 229 -15.69 30.14 19.64
C PRO B 229 -17.06 30.74 19.34
N PHE B 230 -17.15 31.74 18.46
CA PHE B 230 -18.46 32.33 18.14
C PHE B 230 -18.72 32.40 16.66
N MET B 231 -20.03 32.46 16.29
CA MET B 231 -20.42 32.72 14.92
C MET B 231 -20.66 34.24 14.90
N PHE B 232 -19.81 34.96 14.17
CA PHE B 232 -19.82 36.41 14.07
C PHE B 232 -20.67 36.88 12.90
N ARG B 233 -21.87 37.43 13.16
CA ARG B 233 -22.71 37.97 12.09
C ARG B 233 -22.59 39.51 11.99
N LEU B 234 -22.65 40.03 10.74
CA LEU B 234 -22.51 41.46 10.41
C LEU B 234 -23.60 41.97 9.46
N ASP B 235 -24.16 43.17 9.77
CA ASP B 235 -25.20 43.85 8.97
C ASP B 235 -24.63 44.51 7.67
N ASN B 236 -25.54 45.13 6.86
CA ASN B 236 -25.24 45.82 5.59
C ASN B 236 -23.97 46.70 5.66
N ARG B 237 -23.75 47.35 6.82
CA ARG B 237 -22.63 48.26 7.05
C ARG B 237 -21.48 47.61 7.88
N TYR B 238 -21.32 46.27 7.77
CA TYR B 238 -20.29 45.46 8.48
C TYR B 238 -20.22 45.68 10.00
N GLN B 239 -21.40 45.91 10.60
CA GLN B 239 -21.51 46.15 12.04
C GLN B 239 -22.23 45.00 12.75
N PRO B 240 -21.85 44.68 14.01
CA PRO B 240 -22.55 43.60 14.74
C PRO B 240 -24.07 43.58 14.54
N MET B 241 -24.62 42.49 13.98
CA MET B 241 -26.05 42.38 13.72
C MET B 241 -26.79 41.86 14.95
N GLU B 242 -27.63 42.72 15.56
CA GLU B 242 -28.48 42.37 16.71
C GLU B 242 -29.84 41.85 16.17
N PRO B 243 -30.48 40.84 16.79
CA PRO B 243 -30.05 40.08 17.98
C PRO B 243 -29.05 38.96 17.62
N ASN B 244 -28.29 38.53 18.65
CA ASN B 244 -27.30 37.45 18.57
C ASN B 244 -26.10 37.72 17.59
N PRO B 245 -25.27 38.78 17.79
CA PRO B 245 -24.12 38.98 16.88
C PRO B 245 -22.98 37.96 17.08
N ARG B 246 -22.58 37.67 18.35
CA ARG B 246 -21.54 36.70 18.73
C ARG B 246 -22.18 35.45 19.37
N VAL B 247 -22.77 34.57 18.54
CA VAL B 247 -23.41 33.35 19.02
C VAL B 247 -22.40 32.26 19.37
N PRO B 248 -22.48 31.64 20.59
CA PRO B 248 -21.56 30.52 20.91
C PRO B 248 -21.72 29.35 19.93
N LEU B 249 -20.59 28.78 19.49
CA LEU B 249 -20.55 27.64 18.56
C LEU B 249 -21.38 26.46 19.02
N SER B 250 -21.44 26.19 20.36
CA SER B 250 -22.24 25.10 20.93
C SER B 250 -23.75 25.20 20.60
N ARG B 251 -24.17 26.37 20.11
CA ARG B 251 -25.55 26.62 19.72
C ARG B 251 -25.75 26.64 18.19
N VAL B 252 -24.66 26.83 17.41
CA VAL B 252 -24.68 26.88 15.94
C VAL B 252 -24.54 25.51 15.26
N PHE B 253 -23.93 24.48 15.92
CA PHE B 253 -23.76 23.16 15.28
C PHE B 253 -25.13 22.62 14.94
N PHE B 254 -25.34 22.33 13.63
CA PHE B 254 -26.57 21.82 13.04
C PHE B 254 -27.76 22.78 13.10
N ALA B 255 -27.52 24.04 13.51
CA ALA B 255 -28.58 25.04 13.59
C ALA B 255 -28.86 25.59 12.18
N SER B 256 -29.48 24.74 11.32
CA SER B 256 -29.85 25.06 9.94
C SER B 256 -30.90 26.18 9.95
N TRP B 257 -31.75 26.19 11.02
CA TRP B 257 -32.79 27.20 11.28
C TRP B 257 -32.21 28.62 11.32
N ARG B 258 -30.94 28.76 11.79
CA ARG B 258 -30.26 30.04 11.84
C ARG B 258 -29.99 30.62 10.47
N VAL B 259 -29.92 29.75 9.44
CA VAL B 259 -29.70 30.23 8.07
C VAL B 259 -31.04 30.63 7.44
N VAL B 260 -32.06 29.77 7.62
CA VAL B 260 -33.42 30.01 7.11
C VAL B 260 -34.12 31.16 7.86
N LEU B 261 -34.25 31.04 9.21
CA LEU B 261 -34.98 31.99 10.05
C LEU B 261 -34.19 33.14 10.72
N GLU B 262 -32.88 33.29 10.47
CA GLU B 262 -32.10 34.38 11.07
C GLU B 262 -31.30 35.23 10.07
N GLY B 263 -31.86 35.41 8.88
CA GLY B 263 -31.30 36.29 7.86
C GLY B 263 -30.30 35.77 6.85
N GLY B 264 -30.49 34.52 6.39
CA GLY B 264 -29.68 33.89 5.33
C GLY B 264 -28.17 33.96 5.40
N ILE B 265 -27.52 33.73 4.24
CA ILE B 265 -26.07 33.64 4.02
C ILE B 265 -25.26 34.91 4.26
N ASP B 266 -25.76 36.08 3.75
CA ASP B 266 -25.11 37.40 3.79
C ASP B 266 -24.41 37.83 5.08
N PRO B 267 -25.06 37.81 6.29
CA PRO B 267 -24.35 38.25 7.51
C PRO B 267 -23.19 37.31 7.89
N ILE B 268 -23.38 35.98 7.71
CA ILE B 268 -22.40 34.92 7.99
C ILE B 268 -21.11 35.13 7.19
N LEU B 269 -21.22 35.29 5.87
CA LEU B 269 -20.11 35.56 4.97
C LEU B 269 -19.39 36.86 5.34
N ARG B 270 -20.18 37.90 5.72
CA ARG B 270 -19.69 39.22 6.16
C ARG B 270 -18.80 39.00 7.40
N GLY B 271 -19.31 38.19 8.34
CA GLY B 271 -18.62 37.81 9.57
C GLY B 271 -17.35 37.03 9.27
N LEU B 272 -17.41 36.05 8.33
CA LEU B 272 -16.23 35.25 7.96
C LEU B 272 -15.12 36.11 7.32
N MET B 273 -15.51 37.10 6.48
CA MET B 273 -14.55 37.99 5.80
C MET B 273 -13.88 39.00 6.73
N ALA B 274 -14.67 39.55 7.67
CA ALA B 274 -14.24 40.61 8.58
C ALA B 274 -13.81 40.20 10.00
N THR B 275 -13.85 38.89 10.32
CA THR B 275 -13.41 38.43 11.63
C THR B 275 -12.08 37.70 11.44
N PRO B 276 -11.05 37.92 12.30
CA PRO B 276 -9.82 37.11 12.19
C PRO B 276 -10.05 35.68 12.68
N ALA B 277 -9.25 34.72 12.18
CA ALA B 277 -9.35 33.35 12.63
C ALA B 277 -8.59 33.23 13.98
N LYS B 278 -8.80 32.11 14.71
CA LYS B 278 -8.08 31.90 15.97
C LYS B 278 -6.66 31.54 15.56
N LEU B 279 -5.68 31.97 16.35
CA LEU B 279 -4.29 31.67 16.04
C LEU B 279 -3.84 30.53 16.95
N ASN B 280 -3.15 29.53 16.37
CA ASN B 280 -2.66 28.38 17.14
C ASN B 280 -1.47 28.82 17.94
N ARG B 281 -1.60 28.68 19.27
CA ARG B 281 -0.54 28.96 20.23
C ARG B 281 -0.38 27.71 21.04
N GLN B 282 0.85 27.42 21.50
CA GLN B 282 1.17 26.18 22.21
C GLN B 282 0.49 26.04 23.56
N ASN B 283 -0.04 27.14 24.08
CA ASN B 283 -0.74 27.23 25.36
C ASN B 283 -2.23 27.55 25.10
N GLN B 284 -2.60 27.64 23.81
CA GLN B 284 -3.93 27.95 23.31
C GLN B 284 -4.21 27.13 22.03
N ILE B 285 -4.36 25.79 22.17
CA ILE B 285 -4.55 24.88 21.03
C ILE B 285 -5.96 24.93 20.44
N ALA B 286 -6.97 24.51 21.21
CA ALA B 286 -8.36 24.53 20.74
C ALA B 286 -9.33 24.99 21.83
N VAL B 287 -10.40 25.65 21.41
CA VAL B 287 -11.44 26.22 22.28
C VAL B 287 -12.37 25.17 22.89
N ASP B 288 -12.94 25.45 24.10
CA ASP B 288 -13.89 24.54 24.76
C ASP B 288 -15.24 24.41 24.04
N GLU B 289 -15.52 25.27 23.03
CA GLU B 289 -16.75 25.09 22.27
C GLU B 289 -16.71 23.76 21.48
N ILE B 290 -15.48 23.31 21.11
CA ILE B 290 -15.22 22.02 20.44
C ILE B 290 -14.59 20.98 21.40
N ARG B 291 -13.90 21.46 22.46
CA ARG B 291 -13.24 20.60 23.45
C ARG B 291 -14.19 20.11 24.53
N GLU B 292 -15.30 20.85 24.77
CA GLU B 292 -16.26 20.54 25.85
C GLU B 292 -17.74 20.51 25.44
N ARG B 293 -18.10 21.27 24.40
CA ARG B 293 -19.50 21.36 24.03
C ARG B 293 -19.85 21.01 22.59
N LEU B 294 -18.98 20.20 21.92
CA LEU B 294 -19.20 19.80 20.54
C LEU B 294 -20.47 18.96 20.48
N PHE B 295 -21.45 19.48 19.72
CA PHE B 295 -22.77 18.88 19.48
C PHE B 295 -23.62 18.70 20.75
N GLU B 296 -23.50 19.64 21.72
CA GLU B 296 -24.22 19.62 23.02
C GLU B 296 -25.75 19.57 22.82
N GLN B 297 -26.31 20.46 21.95
CA GLN B 297 -27.76 20.51 21.66
C GLN B 297 -28.36 19.23 21.10
N VAL B 298 -27.59 18.49 20.28
CA VAL B 298 -28.06 17.30 19.56
C VAL B 298 -27.63 15.94 20.12
N MET B 299 -26.84 15.95 21.18
CA MET B 299 -26.36 14.70 21.72
C MET B 299 -26.59 14.54 23.19
N ARG B 300 -26.54 13.27 23.68
CA ARG B 300 -26.72 12.91 25.08
C ARG B 300 -25.67 13.54 26.00
N ILE B 301 -24.53 13.96 25.42
CA ILE B 301 -23.33 14.50 26.05
C ILE B 301 -22.49 15.30 25.02
N GLY B 302 -21.82 16.33 25.52
CA GLY B 302 -20.97 17.18 24.71
C GLY B 302 -19.71 16.40 24.39
N LEU B 303 -19.30 16.47 23.13
CA LEU B 303 -18.09 15.79 22.68
C LEU B 303 -16.86 16.67 22.82
N ASP B 304 -15.68 16.05 22.69
CA ASP B 304 -14.35 16.66 22.77
C ASP B 304 -13.68 16.36 21.43
N LEU B 305 -13.74 17.30 20.47
CA LEU B 305 -13.16 17.10 19.13
C LEU B 305 -11.65 16.71 19.17
N PRO B 306 -10.75 17.43 19.90
CA PRO B 306 -9.35 16.99 19.95
C PRO B 306 -9.13 15.58 20.50
N ALA B 307 -9.92 15.15 21.50
CA ALA B 307 -9.84 13.78 22.00
C ALA B 307 -10.33 12.80 20.92
N LEU B 308 -11.41 13.17 20.18
CA LEU B 308 -11.96 12.35 19.10
C LEU B 308 -10.91 12.16 18.02
N ASN B 309 -10.20 13.26 17.66
CA ASN B 309 -9.10 13.26 16.69
C ASN B 309 -8.04 12.22 17.09
N MET B 310 -7.65 12.19 18.40
CA MET B 310 -6.64 11.26 18.91
C MET B 310 -7.12 9.83 19.00
N GLN B 311 -8.37 9.60 19.40
CA GLN B 311 -8.92 8.24 19.44
C GLN B 311 -9.05 7.73 18.01
N ARG B 312 -9.43 8.62 17.05
CA ARG B 312 -9.56 8.31 15.63
C ARG B 312 -8.26 7.82 15.01
N SER B 313 -7.12 8.45 15.31
CA SER B 313 -5.83 7.99 14.80
C SER B 313 -5.50 6.58 15.37
N ARG B 314 -5.88 6.33 16.65
CA ARG B 314 -5.67 5.05 17.28
C ARG B 314 -6.56 3.99 16.62
N ASP B 315 -7.84 4.34 16.37
CA ASP B 315 -8.81 3.53 15.65
C ASP B 315 -8.22 3.21 14.27
N HIS B 316 -7.66 4.23 13.60
CA HIS B 316 -7.08 4.14 12.28
C HIS B 316 -5.75 3.39 12.17
N GLY B 317 -5.21 2.99 13.32
CA GLY B 317 -3.94 2.29 13.43
C GLY B 317 -2.76 3.13 13.00
N LEU B 318 -2.87 4.47 13.13
CA LEU B 318 -1.79 5.36 12.71
C LEU B 318 -0.54 5.29 13.59
N PRO B 319 0.67 5.21 12.98
CA PRO B 319 1.92 5.30 13.79
C PRO B 319 2.04 6.62 14.58
N GLY B 320 2.88 6.63 15.61
CA GLY B 320 3.11 7.82 16.43
C GLY B 320 3.96 8.89 15.75
N TYR B 321 4.25 9.97 16.50
CA TYR B 321 5.02 11.15 16.11
C TYR B 321 6.37 10.86 15.45
N ASN B 322 7.28 10.13 16.16
CA ASN B 322 8.63 9.84 15.65
C ASN B 322 8.63 9.12 14.31
N ALA B 323 7.74 8.11 14.13
CA ALA B 323 7.60 7.35 12.89
C ALA B 323 7.27 8.30 11.72
N TRP B 324 6.34 9.25 11.97
CA TRP B 324 5.95 10.23 10.98
C TRP B 324 7.05 11.26 10.72
N ARG B 325 7.83 11.60 11.78
CA ARG B 325 8.96 12.52 11.62
C ARG B 325 10.03 11.85 10.74
N ARG B 326 10.30 10.54 11.04
CA ARG B 326 11.22 9.65 10.31
C ARG B 326 10.85 9.61 8.83
N PHE B 327 9.54 9.47 8.55
CA PHE B 327 8.94 9.39 7.22
C PHE B 327 9.14 10.67 6.44
N CYS B 328 9.02 11.81 7.14
CA CYS B 328 9.15 13.16 6.59
C CYS B 328 10.60 13.62 6.43
N GLY B 329 11.54 12.83 6.95
CA GLY B 329 12.97 13.12 6.90
C GLY B 329 13.37 14.11 7.97
N LEU B 330 12.61 14.12 9.10
CA LEU B 330 12.83 15.03 10.23
C LEU B 330 13.42 14.33 11.47
N PRO B 331 14.26 15.04 12.27
CA PRO B 331 14.82 14.40 13.49
C PRO B 331 13.75 13.88 14.45
N GLN B 332 14.01 12.72 15.04
CA GLN B 332 13.09 12.09 15.96
C GLN B 332 13.63 12.21 17.38
N PRO B 333 13.07 13.14 18.21
CA PRO B 333 13.57 13.31 19.60
C PRO B 333 13.23 12.13 20.47
N GLU B 334 14.18 11.64 21.26
CA GLU B 334 13.91 10.51 22.14
C GLU B 334 13.62 10.96 23.59
N THR B 335 14.21 12.09 24.00
CA THR B 335 14.05 12.61 25.35
C THR B 335 13.31 13.94 25.43
N VAL B 336 12.88 14.28 26.66
CA VAL B 336 12.19 15.51 27.03
C VAL B 336 12.91 16.77 26.54
N GLY B 337 14.22 16.83 26.83
CA GLY B 337 15.10 17.92 26.41
C GLY B 337 15.13 18.02 24.91
N GLN B 338 15.45 16.87 24.26
CA GLN B 338 15.47 16.75 22.80
C GLN B 338 14.16 17.25 22.18
N LEU B 339 13.02 16.81 22.78
CA LEU B 339 11.68 17.23 22.36
C LEU B 339 11.50 18.75 22.51
N GLY B 340 11.85 19.26 23.70
CA GLY B 340 11.80 20.70 24.00
C GLY B 340 12.54 21.51 22.96
N THR B 341 13.61 20.92 22.37
CA THR B 341 14.43 21.59 21.35
C THR B 341 13.70 21.69 20.03
N VAL B 342 13.04 20.60 19.60
CA VAL B 342 12.25 20.51 18.36
C VAL B 342 11.05 21.49 18.41
N LEU B 343 10.26 21.41 19.50
CA LEU B 343 9.07 22.23 19.66
C LEU B 343 9.38 23.70 20.01
N ARG B 344 10.68 23.99 20.40
CA ARG B 344 11.19 25.31 20.86
C ARG B 344 10.39 25.70 22.11
N ASN B 345 9.98 24.69 22.91
CA ASN B 345 9.18 24.86 24.11
C ASN B 345 9.37 23.64 24.97
N LEU B 346 10.00 23.81 26.14
CA LEU B 346 10.22 22.71 27.06
C LEU B 346 9.01 22.54 27.96
N LYS B 347 8.27 23.63 28.26
CA LYS B 347 7.07 23.58 29.10
C LYS B 347 6.07 22.59 28.52
N LEU B 348 5.83 22.71 27.20
CA LEU B 348 4.96 21.80 26.43
C LEU B 348 5.52 20.36 26.34
N ALA B 349 6.83 20.22 26.04
CA ALA B 349 7.48 18.92 25.91
C ALA B 349 7.42 18.10 27.20
N ARG B 350 7.49 18.77 28.34
CA ARG B 350 7.45 18.13 29.66
C ARG B 350 6.04 17.60 29.85
N LYS B 351 5.04 18.41 29.40
CA LYS B 351 3.60 18.15 29.46
C LYS B 351 3.29 16.90 28.62
N LEU B 352 3.77 16.89 27.35
CA LEU B 352 3.64 15.79 26.37
C LEU B 352 4.32 14.53 26.86
N MET B 353 5.50 14.65 27.51
CA MET B 353 6.23 13.49 28.04
C MET B 353 5.53 12.86 29.22
N GLU B 354 4.76 13.64 29.96
CA GLU B 354 4.05 13.14 31.14
C GLU B 354 2.94 12.18 30.72
N GLN B 355 2.27 12.55 29.62
CA GLN B 355 1.16 11.84 29.05
C GLN B 355 1.59 10.58 28.33
N TYR B 356 2.51 10.73 27.34
CA TYR B 356 2.95 9.68 26.44
C TYR B 356 4.07 8.78 26.87
N GLY B 357 5.00 9.32 27.66
CA GLY B 357 6.17 8.58 28.13
C GLY B 357 7.35 8.72 27.19
N THR B 358 7.10 8.52 25.90
CA THR B 358 8.07 8.59 24.82
C THR B 358 7.52 9.42 23.68
N PRO B 359 8.33 10.24 23.00
CA PRO B 359 7.81 10.98 21.83
C PRO B 359 7.40 10.04 20.68
N ASN B 360 7.64 8.71 20.83
CA ASN B 360 7.23 7.69 19.85
C ASN B 360 5.71 7.52 19.86
N ASN B 361 5.09 7.61 21.06
CA ASN B 361 3.65 7.45 21.30
C ASN B 361 2.79 8.67 21.08
N ILE B 362 3.38 9.88 20.97
CA ILE B 362 2.55 11.07 20.74
C ILE B 362 1.67 10.83 19.50
N ASP B 363 0.35 10.93 19.70
CA ASP B 363 -0.65 10.81 18.66
C ASP B 363 -0.39 11.89 17.59
N ILE B 364 -0.39 11.50 16.32
CA ILE B 364 -0.07 12.38 15.17
C ILE B 364 -0.67 13.77 15.19
N TRP B 365 -1.99 13.88 15.45
CA TRP B 365 -2.65 15.20 15.50
C TRP B 365 -2.02 16.05 16.62
N MET B 366 -1.91 15.48 17.84
CA MET B 366 -1.35 16.13 19.01
C MET B 366 0.08 16.60 18.78
N GLY B 367 0.90 15.77 18.15
CA GLY B 367 2.28 16.10 17.82
C GLY B 367 2.32 17.24 16.84
N GLY B 368 1.67 17.05 15.70
CA GLY B 368 1.57 18.04 14.65
C GLY B 368 1.15 19.44 15.09
N VAL B 369 0.10 19.53 15.92
CA VAL B 369 -0.40 20.83 16.42
C VAL B 369 0.51 21.51 17.46
N SER B 370 1.39 20.72 18.09
CA SER B 370 2.34 21.19 19.10
C SER B 370 3.57 21.87 18.52
N GLU B 371 3.87 21.63 17.24
CA GLU B 371 5.02 22.20 16.53
C GLU B 371 4.89 23.71 16.32
N PRO B 372 6.00 24.47 16.54
CA PRO B 372 6.01 25.91 16.19
C PRO B 372 5.74 26.10 14.69
N LEU B 373 4.98 27.13 14.33
CA LEU B 373 4.59 27.36 12.95
C LEU B 373 5.73 27.82 12.03
N LYS B 374 5.62 27.48 10.74
CA LYS B 374 6.58 27.90 9.70
C LYS B 374 6.46 29.44 9.45
N ARG B 375 7.46 30.04 8.76
CA ARG B 375 7.43 31.49 8.46
C ARG B 375 6.34 31.72 7.41
N LYS B 376 5.39 32.63 7.74
CA LYS B 376 4.21 33.00 6.93
C LYS B 376 3.25 31.81 6.67
N GLY B 377 3.33 30.81 7.55
CA GLY B 377 2.52 29.61 7.51
C GLY B 377 1.75 29.40 8.80
N ARG B 378 0.78 28.47 8.79
CA ARG B 378 -0.02 28.14 9.97
C ARG B 378 0.08 26.65 10.39
N VAL B 379 1.16 25.95 9.95
CA VAL B 379 1.50 24.56 10.32
C VAL B 379 2.98 24.45 10.63
N GLY B 380 3.36 23.43 11.39
CA GLY B 380 4.73 23.14 11.75
C GLY B 380 5.45 22.30 10.70
N PRO B 381 6.76 21.99 10.87
CA PRO B 381 7.48 21.17 9.86
C PRO B 381 6.82 19.86 9.40
N LEU B 382 6.37 19.00 10.34
CA LEU B 382 5.72 17.68 10.08
C LEU B 382 4.37 17.76 9.32
N LEU B 383 3.44 18.61 9.79
CA LEU B 383 2.15 18.78 9.16
C LEU B 383 2.31 19.42 7.79
N ALA B 384 3.33 20.32 7.62
CA ALA B 384 3.62 20.94 6.33
C ALA B 384 4.07 19.86 5.37
N CYS B 385 4.70 18.82 5.90
CA CYS B 385 5.11 17.71 5.07
C CYS B 385 3.90 16.84 4.66
N ILE B 386 3.13 16.33 5.65
CA ILE B 386 1.94 15.52 5.36
C ILE B 386 0.97 16.28 4.43
N ILE B 387 0.59 17.51 4.82
CA ILE B 387 -0.32 18.33 4.03
C ILE B 387 0.25 18.68 2.62
N GLY B 388 1.54 19.00 2.53
CA GLY B 388 2.20 19.34 1.27
C GLY B 388 2.15 18.21 0.26
N THR B 389 2.66 17.05 0.68
CA THR B 389 2.71 15.80 -0.09
C THR B 389 1.33 15.42 -0.66
N GLN B 390 0.32 15.36 0.21
CA GLN B 390 -1.05 15.04 -0.19
C GLN B 390 -1.57 15.98 -1.28
N PHE B 391 -1.35 17.31 -1.11
CA PHE B 391 -1.80 18.31 -2.10
C PHE B 391 -1.06 18.24 -3.40
N ARG B 392 0.24 17.87 -3.35
CA ARG B 392 0.97 17.72 -4.61
C ARG B 392 0.44 16.53 -5.40
N LYS B 393 0.18 15.40 -4.70
CA LYS B 393 -0.38 14.18 -5.32
C LYS B 393 -1.74 14.47 -5.95
N LEU B 394 -2.60 15.24 -5.23
CA LEU B 394 -3.91 15.65 -5.73
C LEU B 394 -3.85 16.52 -6.99
N ARG B 395 -2.72 17.25 -7.16
CA ARG B 395 -2.53 18.16 -8.29
C ARG B 395 -1.95 17.45 -9.50
N ASP B 396 -0.72 16.88 -9.33
CA ASP B 396 0.04 16.15 -10.33
C ASP B 396 -0.61 14.83 -10.81
N GLY B 397 -1.48 14.25 -9.98
CA GLY B 397 -2.22 13.03 -10.31
C GLY B 397 -3.66 13.24 -10.74
N ASP B 398 -4.00 14.49 -11.13
CA ASP B 398 -5.34 14.87 -11.58
C ASP B 398 -5.34 15.06 -13.09
N ARG B 399 -6.03 14.15 -13.80
CA ARG B 399 -6.07 14.23 -15.25
C ARG B 399 -6.92 15.44 -15.68
N PHE B 400 -7.92 15.80 -14.84
CA PHE B 400 -8.81 16.91 -15.08
C PHE B 400 -8.40 18.17 -14.30
N TRP B 401 -7.10 18.28 -13.98
CA TRP B 401 -6.54 19.46 -13.32
C TRP B 401 -6.64 20.62 -14.30
N TRP B 402 -7.25 21.71 -13.84
CA TRP B 402 -7.49 22.94 -14.63
C TRP B 402 -6.35 23.42 -15.58
N GLU B 403 -5.09 23.38 -15.09
CA GLU B 403 -3.92 23.76 -15.87
C GLU B 403 -3.50 22.68 -16.91
N ASN B 404 -3.97 21.43 -16.76
CA ASN B 404 -3.57 20.34 -17.67
C ASN B 404 -3.97 20.60 -19.14
N GLU B 405 -2.98 20.47 -20.06
CA GLU B 405 -3.13 20.66 -21.50
C GLU B 405 -4.27 19.79 -22.05
N GLY B 406 -5.27 20.45 -22.62
CA GLY B 406 -6.46 19.81 -23.13
C GLY B 406 -7.70 20.07 -22.32
N VAL B 407 -7.58 20.15 -20.95
CA VAL B 407 -8.71 20.40 -20.02
C VAL B 407 -9.43 21.71 -20.43
N PHE B 408 -8.65 22.80 -20.56
CA PHE B 408 -9.18 24.10 -20.97
C PHE B 408 -8.36 24.66 -22.15
N SER B 409 -8.87 25.74 -22.79
CA SER B 409 -8.12 26.39 -23.87
C SER B 409 -7.24 27.49 -23.25
N MET B 410 -6.20 27.95 -23.98
CA MET B 410 -5.28 28.99 -23.50
C MET B 410 -6.07 30.20 -22.95
N GLN B 411 -7.12 30.64 -23.69
CA GLN B 411 -8.02 31.77 -23.34
C GLN B 411 -8.86 31.43 -22.12
N GLN B 412 -9.47 30.19 -22.10
CA GLN B 412 -10.30 29.68 -21.01
C GLN B 412 -9.51 29.72 -19.73
N ARG B 413 -8.21 29.29 -19.79
CA ARG B 413 -7.26 29.29 -18.67
C ARG B 413 -6.95 30.70 -18.21
N GLN B 414 -6.81 31.63 -19.19
CA GLN B 414 -6.55 33.05 -18.93
C GLN B 414 -7.77 33.71 -18.27
N ALA B 415 -8.99 33.28 -18.64
CA ALA B 415 -10.23 33.79 -18.08
C ALA B 415 -10.42 33.32 -16.63
N LEU B 416 -10.12 32.02 -16.35
CA LEU B 416 -10.26 31.42 -15.02
C LEU B 416 -9.22 31.93 -14.00
N ALA B 417 -8.06 32.41 -14.51
CA ALA B 417 -6.98 32.97 -13.70
C ALA B 417 -7.39 34.26 -12.99
N GLN B 418 -8.50 34.87 -13.46
CA GLN B 418 -9.05 36.14 -12.96
C GLN B 418 -10.12 35.97 -11.87
N ILE B 419 -10.46 34.70 -11.51
CA ILE B 419 -11.45 34.44 -10.46
C ILE B 419 -10.88 34.71 -9.05
N SER B 420 -11.79 34.93 -8.09
CA SER B 420 -11.48 35.13 -6.69
C SER B 420 -12.73 34.82 -5.88
N LEU B 421 -12.57 34.43 -4.60
CA LEU B 421 -13.70 34.13 -3.72
C LEU B 421 -14.51 35.43 -3.44
N PRO B 422 -13.84 36.61 -3.18
CA PRO B 422 -14.60 37.86 -3.02
C PRO B 422 -15.57 38.09 -4.18
N ARG B 423 -15.08 37.95 -5.45
CA ARG B 423 -15.89 38.08 -6.66
C ARG B 423 -17.07 37.09 -6.70
N ILE B 424 -16.88 35.84 -6.20
CA ILE B 424 -17.95 34.83 -6.14
C ILE B 424 -19.03 35.32 -5.15
N ILE B 425 -18.61 35.90 -3.99
CA ILE B 425 -19.53 36.48 -2.99
C ILE B 425 -20.36 37.62 -3.62
N CYS B 426 -19.73 38.43 -4.52
CA CYS B 426 -20.35 39.55 -5.24
C CYS B 426 -21.50 39.06 -6.11
N ASP B 427 -21.21 38.15 -7.04
CA ASP B 427 -22.12 37.59 -8.04
C ASP B 427 -23.26 36.74 -7.48
N ASN B 428 -23.18 36.33 -6.21
CA ASN B 428 -24.18 35.41 -5.65
C ASN B 428 -24.88 35.83 -4.35
N THR B 429 -24.60 37.05 -3.85
CA THR B 429 -25.22 37.60 -2.63
C THR B 429 -25.55 39.10 -2.81
N GLY B 430 -26.11 39.70 -1.76
CA GLY B 430 -26.38 41.14 -1.71
C GLY B 430 -25.19 41.95 -1.22
N ILE B 431 -24.05 41.28 -0.95
CA ILE B 431 -22.84 41.93 -0.46
C ILE B 431 -22.18 42.77 -1.56
N THR B 432 -21.94 44.05 -1.25
CA THR B 432 -21.36 45.04 -2.16
C THR B 432 -19.94 45.42 -1.74
N THR B 433 -19.57 45.12 -0.49
CA THR B 433 -18.23 45.36 0.01
C THR B 433 -17.64 44.01 0.40
N VAL B 434 -16.62 43.56 -0.35
CA VAL B 434 -15.93 42.29 -0.13
C VAL B 434 -14.46 42.52 0.24
N SER B 435 -13.73 41.44 0.66
CA SER B 435 -12.33 41.47 1.08
C SER B 435 -11.40 41.82 -0.06
N LYS B 436 -10.37 42.65 0.22
CA LYS B 436 -9.33 42.96 -0.77
C LYS B 436 -8.50 41.66 -0.89
N ASN B 437 -8.18 41.23 -2.12
CA ASN B 437 -7.39 40.01 -2.33
C ASN B 437 -5.97 40.18 -1.75
N ASN B 438 -5.42 39.19 -1.00
CA ASN B 438 -5.89 37.83 -0.73
C ASN B 438 -6.94 37.72 0.39
N ILE B 439 -8.12 37.13 0.08
CA ILE B 439 -9.27 36.90 0.99
C ILE B 439 -8.93 36.25 2.36
N PHE B 440 -8.02 35.27 2.36
CA PHE B 440 -7.58 34.54 3.54
C PHE B 440 -6.72 35.38 4.49
N MET B 441 -6.04 36.42 3.96
CA MET B 441 -5.23 37.31 4.77
C MET B 441 -6.05 38.52 5.27
N SER B 442 -6.90 39.08 4.41
CA SER B 442 -7.76 40.21 4.72
C SER B 442 -8.81 39.89 5.79
N ASN B 443 -8.71 40.58 6.95
CA ASN B 443 -9.60 40.37 8.11
C ASN B 443 -10.19 41.65 8.76
N SER B 444 -9.67 42.87 8.44
CA SER B 444 -10.13 44.13 9.05
C SER B 444 -11.00 45.03 8.18
N TYR B 445 -12.15 45.46 8.73
CA TYR B 445 -13.06 46.39 8.05
C TYR B 445 -12.94 47.84 8.58
N PRO B 446 -12.71 48.85 7.69
CA PRO B 446 -12.60 48.77 6.22
C PRO B 446 -11.17 48.77 5.63
N ARG B 447 -10.12 48.70 6.49
CA ARG B 447 -8.69 48.70 6.10
C ARG B 447 -8.36 47.73 4.95
N ASP B 448 -8.94 46.51 5.02
CA ASP B 448 -8.73 45.43 4.07
C ASP B 448 -9.93 45.17 3.15
N PHE B 449 -10.81 46.17 2.94
CA PHE B 449 -12.00 45.97 2.10
C PHE B 449 -12.07 46.82 0.83
N VAL B 450 -12.94 46.40 -0.13
CA VAL B 450 -13.16 47.04 -1.44
C VAL B 450 -14.63 46.95 -1.89
N ASN B 451 -15.00 47.70 -2.96
CA ASN B 451 -16.33 47.68 -3.56
C ASN B 451 -16.31 46.71 -4.72
N CYS B 452 -17.47 46.04 -4.96
CA CYS B 452 -17.70 45.05 -6.03
C CYS B 452 -17.18 45.51 -7.38
N SER B 453 -17.54 46.76 -7.75
CA SER B 453 -17.19 47.46 -8.97
C SER B 453 -15.70 47.35 -9.36
N THR B 454 -14.79 47.38 -8.35
CA THR B 454 -13.32 47.30 -8.52
C THR B 454 -12.84 45.88 -8.90
N LEU B 455 -13.73 44.87 -8.78
CA LEU B 455 -13.44 43.47 -9.10
C LEU B 455 -13.89 43.04 -10.51
N PRO B 456 -12.95 42.56 -11.35
CA PRO B 456 -13.36 42.06 -12.67
C PRO B 456 -14.09 40.71 -12.56
N ALA B 457 -15.16 40.54 -13.35
CA ALA B 457 -15.97 39.30 -13.35
C ALA B 457 -15.34 38.21 -14.23
N LEU B 458 -15.87 36.97 -14.12
CA LEU B 458 -15.38 35.86 -14.94
C LEU B 458 -15.90 36.06 -16.35
N ASN B 459 -14.97 36.23 -17.31
CA ASN B 459 -15.30 36.44 -18.71
C ASN B 459 -15.49 35.12 -19.46
N LEU B 460 -16.75 34.69 -19.56
CA LEU B 460 -17.11 33.44 -20.24
C LEU B 460 -17.08 33.49 -21.78
N ALA B 461 -16.40 34.49 -22.37
CA ALA B 461 -16.28 34.68 -23.83
C ALA B 461 -15.69 33.44 -24.53
N SER B 462 -14.65 32.86 -23.92
CA SER B 462 -13.91 31.69 -24.39
C SER B 462 -14.79 30.42 -24.55
N TRP B 463 -15.94 30.40 -23.87
CA TRP B 463 -16.86 29.26 -23.86
C TRP B 463 -17.85 29.26 -25.02
N ARG B 464 -18.00 30.42 -25.70
CA ARG B 464 -18.91 30.59 -26.83
C ARG B 464 -18.54 29.65 -27.97
N GLU B 465 -19.55 28.94 -28.48
CA GLU B 465 -19.41 27.98 -29.58
C GLU B 465 -20.21 28.45 -30.78
N CYS C 1 2.33 -10.37 22.67
CA CYS C 1 3.64 -10.26 22.02
C CYS C 1 4.82 -10.12 23.06
N PRO C 2 5.58 -11.20 23.33
CA PRO C 2 6.65 -11.14 24.35
C PRO C 2 7.72 -10.05 24.22
N GLU C 3 8.08 -9.46 25.38
CA GLU C 3 9.06 -8.36 25.54
C GLU C 3 10.53 -8.83 25.41
N GLN C 4 10.76 -10.12 25.71
CA GLN C 4 12.05 -10.79 25.62
C GLN C 4 11.81 -12.14 24.97
N ASP C 5 12.60 -12.45 23.91
CA ASP C 5 12.51 -13.69 23.12
C ASP C 5 13.84 -14.07 22.49
N LYS C 6 14.13 -15.39 22.45
CA LYS C 6 15.40 -15.93 21.95
C LYS C 6 15.32 -16.40 20.51
N TYR C 7 14.12 -16.86 20.12
CA TYR C 7 13.92 -17.44 18.80
C TYR C 7 12.76 -16.83 18.06
N ARG C 8 12.78 -17.01 16.73
CA ARG C 8 11.72 -16.60 15.82
C ARG C 8 10.47 -17.43 16.12
N THR C 9 9.30 -16.93 15.73
CA THR C 9 8.09 -17.74 15.79
C THR C 9 8.09 -18.47 14.45
N ILE C 10 7.27 -19.51 14.34
CA ILE C 10 7.15 -20.23 13.08
C ILE C 10 6.44 -19.36 12.05
N THR C 11 5.45 -18.56 12.50
CA THR C 11 4.68 -17.69 11.61
C THR C 11 5.30 -16.37 11.28
N GLY C 12 6.36 -15.99 11.98
CA GLY C 12 7.02 -14.71 11.71
C GLY C 12 6.37 -13.58 12.49
N MET C 13 5.29 -13.90 13.21
CA MET C 13 4.59 -12.98 14.07
C MET C 13 5.63 -12.43 15.05
N CYS C 14 5.53 -11.12 15.36
CA CYS C 14 6.40 -10.40 16.30
C CYS C 14 7.81 -10.10 15.86
N ASN C 15 8.18 -10.36 14.64
CA ASN C 15 9.54 -9.98 14.25
C ASN C 15 9.61 -8.46 14.36
N ASN C 16 8.54 -7.79 13.87
CA ASN C 16 8.42 -6.35 13.93
C ASN C 16 7.47 -6.02 15.07
N ARG C 17 8.02 -5.59 16.21
CA ARG C 17 7.25 -5.25 17.40
C ARG C 17 6.19 -4.16 17.22
N ARG C 18 6.43 -3.14 16.38
CA ARG C 18 5.46 -2.05 16.11
C ARG C 18 4.25 -2.49 15.28
N SER C 19 4.52 -3.25 14.18
CA SER C 19 3.48 -3.80 13.28
C SER C 19 3.75 -5.32 13.24
N PRO C 20 3.32 -6.05 14.30
CA PRO C 20 3.69 -7.48 14.44
C PRO C 20 3.41 -8.50 13.37
N THR C 21 2.51 -8.24 12.42
CA THR C 21 2.20 -9.18 11.32
C THR C 21 3.21 -9.06 10.19
N LEU C 22 3.90 -7.93 10.07
CA LEU C 22 4.84 -7.72 8.97
C LEU C 22 5.86 -8.82 8.87
N GLY C 23 5.85 -9.48 7.72
CA GLY C 23 6.76 -10.58 7.41
C GLY C 23 6.16 -11.95 7.71
N ALA C 24 5.09 -11.96 8.53
CA ALA C 24 4.40 -13.16 8.93
C ALA C 24 3.64 -13.81 7.78
N SER C 25 3.44 -15.13 7.89
CA SER C 25 2.75 -15.96 6.93
C SER C 25 1.22 -15.70 6.91
N ASN C 26 0.57 -16.04 5.78
CA ASN C 26 -0.86 -15.87 5.53
C ASN C 26 -1.37 -14.43 5.70
N ARG C 27 -0.77 -13.54 4.93
CA ARG C 27 -1.09 -12.13 4.94
C ARG C 27 -1.00 -11.61 3.51
N ALA C 28 -1.65 -10.46 3.24
CA ALA C 28 -1.59 -9.83 1.92
C ALA C 28 -0.17 -9.34 1.65
N PHE C 29 0.26 -9.44 0.37
CA PHE C 29 1.54 -8.93 -0.07
C PHE C 29 1.56 -7.39 0.05
N VAL C 30 2.75 -6.78 0.10
CA VAL C 30 2.75 -5.32 0.06
C VAL C 30 2.69 -4.93 -1.43
N ARG C 31 2.24 -3.71 -1.76
CA ARG C 31 2.29 -3.24 -3.16
C ARG C 31 3.24 -2.08 -3.25
N TRP C 32 4.11 -2.10 -4.23
CA TRP C 32 5.06 -1.03 -4.46
C TRP C 32 4.50 -0.04 -5.46
N LEU C 33 3.45 -0.41 -6.22
CA LEU C 33 2.70 0.38 -7.19
C LEU C 33 1.22 -0.10 -7.18
N PRO C 34 0.22 0.78 -7.47
CA PRO C 34 -1.17 0.32 -7.46
C PRO C 34 -1.43 -0.66 -8.59
N ALA C 35 -2.32 -1.64 -8.34
CA ALA C 35 -2.72 -2.70 -9.26
C ALA C 35 -3.52 -2.22 -10.44
N GLU C 36 -3.16 -2.76 -11.63
CA GLU C 36 -3.81 -2.46 -12.90
C GLU C 36 -4.70 -3.62 -13.30
N TYR C 37 -6.02 -3.50 -13.04
CA TYR C 37 -7.07 -4.45 -13.39
C TYR C 37 -7.96 -3.80 -14.42
N GLU C 38 -8.62 -4.64 -15.21
CA GLU C 38 -9.53 -4.31 -16.30
C GLU C 38 -10.70 -3.45 -15.82
N ASP C 39 -11.24 -3.77 -14.63
CA ASP C 39 -12.37 -3.08 -14.03
C ASP C 39 -11.93 -2.16 -12.90
N GLY C 40 -10.62 -2.01 -12.76
CA GLY C 40 -9.99 -1.17 -11.75
C GLY C 40 -9.69 -1.83 -10.42
N PHE C 41 -10.45 -2.88 -10.07
CA PHE C 41 -10.31 -3.57 -8.78
C PHE C 41 -10.15 -5.08 -8.75
N SER C 42 -10.72 -5.86 -9.69
CA SER C 42 -10.58 -7.33 -9.63
C SER C 42 -10.33 -8.12 -10.92
N LEU C 43 -10.91 -7.74 -12.06
CA LEU C 43 -10.73 -8.48 -13.31
C LEU C 43 -9.38 -8.22 -13.95
N PRO C 44 -8.65 -9.28 -14.32
CA PRO C 44 -7.34 -9.10 -15.00
C PRO C 44 -7.47 -8.64 -16.44
N TYR C 45 -6.44 -7.93 -16.96
CA TYR C 45 -6.42 -7.56 -18.38
C TYR C 45 -6.35 -8.85 -19.18
N GLY C 46 -7.25 -8.98 -20.14
CA GLY C 46 -7.39 -10.16 -20.97
C GLY C 46 -8.66 -10.94 -20.69
N TRP C 47 -9.33 -10.63 -19.56
CA TRP C 47 -10.57 -11.28 -19.13
C TRP C 47 -11.68 -11.06 -20.14
N THR C 48 -12.04 -9.78 -20.41
CA THR C 48 -13.08 -9.43 -21.38
C THR C 48 -12.51 -9.24 -22.81
N PRO C 49 -13.04 -9.97 -23.82
CA PRO C 49 -12.55 -9.80 -25.20
C PRO C 49 -12.92 -8.42 -25.73
N GLY C 50 -11.98 -7.82 -26.46
CA GLY C 50 -12.15 -6.50 -27.05
C GLY C 50 -11.77 -5.33 -26.14
N VAL C 51 -11.53 -5.59 -24.85
CA VAL C 51 -11.12 -4.56 -23.91
C VAL C 51 -9.59 -4.36 -24.09
N LYS C 52 -9.19 -3.16 -24.52
CA LYS C 52 -7.77 -2.90 -24.73
C LYS C 52 -7.10 -2.48 -23.43
N ARG C 53 -5.78 -2.58 -23.37
CA ARG C 53 -4.99 -2.15 -22.21
C ARG C 53 -4.14 -0.97 -22.69
N ASN C 54 -4.37 0.24 -22.08
CA ASN C 54 -3.67 1.49 -22.39
C ASN C 54 -3.63 1.74 -23.92
N GLY C 55 -4.78 1.55 -24.60
CA GLY C 55 -4.93 1.78 -26.03
C GLY C 55 -4.42 0.75 -27.01
N PHE C 56 -4.19 -0.51 -26.55
CA PHE C 56 -3.71 -1.61 -27.43
C PHE C 56 -4.35 -2.93 -27.03
N PRO C 57 -4.54 -3.90 -27.95
CA PRO C 57 -5.12 -5.19 -27.54
C PRO C 57 -4.17 -6.00 -26.65
N VAL C 58 -4.74 -6.91 -25.85
CA VAL C 58 -3.97 -7.73 -24.92
C VAL C 58 -3.49 -8.96 -25.67
N ALA C 59 -2.17 -9.07 -25.85
CA ALA C 59 -1.49 -10.22 -26.45
C ALA C 59 -1.68 -11.46 -25.54
N LEU C 60 -2.04 -12.61 -26.15
CA LEU C 60 -2.20 -13.88 -25.43
C LEU C 60 -0.83 -14.31 -24.86
N ALA C 61 -0.78 -14.66 -23.56
CA ALA C 61 0.47 -15.10 -22.90
C ALA C 61 1.18 -16.18 -23.73
N ARG C 62 0.38 -17.13 -24.26
CA ARG C 62 0.86 -18.21 -25.12
C ARG C 62 1.47 -17.67 -26.42
N ALA C 63 0.82 -16.67 -27.08
CA ALA C 63 1.30 -16.02 -28.29
C ALA C 63 2.68 -15.40 -28.03
N VAL C 64 2.83 -14.69 -26.88
CA VAL C 64 4.09 -14.06 -26.48
C VAL C 64 5.15 -15.14 -26.29
N SER C 65 4.76 -16.23 -25.59
CA SER C 65 5.61 -17.40 -25.32
C SER C 65 6.13 -17.96 -26.65
N ASN C 66 5.22 -18.16 -27.61
CA ASN C 66 5.47 -18.68 -28.95
C ASN C 66 6.44 -17.83 -29.74
N GLU C 67 6.27 -16.51 -29.70
CA GLU C 67 7.05 -15.58 -30.52
C GLU C 67 8.33 -15.06 -29.91
N ILE C 68 8.41 -14.93 -28.59
CA ILE C 68 9.59 -14.33 -27.96
C ILE C 68 10.42 -15.35 -27.20
N VAL C 69 9.74 -16.20 -26.39
CA VAL C 69 10.40 -17.17 -25.55
C VAL C 69 11.05 -18.29 -26.36
N ARG C 70 10.27 -18.94 -27.24
CA ARG C 70 10.66 -20.07 -28.10
C ARG C 70 12.04 -19.98 -28.72
N PHE C 71 12.80 -21.09 -28.62
CA PHE C 71 14.12 -21.21 -29.23
C PHE C 71 14.46 -22.68 -29.47
N PRO C 72 15.32 -23.05 -30.45
CA PRO C 72 15.64 -24.49 -30.63
C PRO C 72 16.55 -25.07 -29.54
N THR C 73 16.07 -26.13 -28.85
CA THR C 73 16.73 -26.82 -27.72
C THR C 73 18.24 -27.10 -27.87
N ASP C 74 18.70 -27.34 -29.11
CA ASP C 74 20.10 -27.61 -29.46
C ASP C 74 20.97 -26.34 -29.47
N GLN C 75 20.32 -25.18 -29.72
CA GLN C 75 21.02 -23.90 -29.82
C GLN C 75 21.59 -23.42 -28.48
N LEU C 76 21.01 -23.93 -27.37
CA LEU C 76 21.32 -23.62 -25.97
C LEU C 76 22.78 -23.28 -25.71
N THR C 77 22.99 -22.08 -25.15
CA THR C 77 24.32 -21.57 -24.78
C THR C 77 24.53 -21.91 -23.30
N PRO C 78 25.54 -22.73 -22.94
CA PRO C 78 25.76 -23.01 -21.51
C PRO C 78 26.51 -21.85 -20.83
N ASP C 79 26.18 -21.61 -19.53
CA ASP C 79 26.78 -20.54 -18.76
C ASP C 79 28.21 -20.89 -18.46
N GLN C 80 29.14 -20.05 -18.92
CA GLN C 80 30.57 -20.26 -18.69
C GLN C 80 30.92 -20.02 -17.20
N GLU C 81 30.21 -19.08 -16.52
CA GLU C 81 30.47 -18.71 -15.14
C GLU C 81 29.40 -19.05 -14.07
N ARG C 82 28.51 -20.06 -14.31
CA ARG C 82 27.48 -20.43 -13.32
C ARG C 82 27.10 -21.92 -13.41
N SER C 83 27.10 -22.62 -12.26
CA SER C 83 26.65 -24.03 -12.19
C SER C 83 25.11 -24.11 -12.11
N LEU C 84 24.52 -25.29 -12.29
CA LEU C 84 23.08 -25.47 -12.17
C LEU C 84 22.62 -25.27 -10.72
N MET C 85 23.56 -25.42 -9.74
CA MET C 85 23.32 -25.21 -8.32
C MET C 85 22.75 -23.78 -8.14
N PHE C 86 23.26 -22.82 -8.99
CA PHE C 86 22.85 -21.42 -9.01
C PHE C 86 21.38 -21.30 -9.43
N MET C 87 20.94 -22.12 -10.37
CA MET C 87 19.56 -22.12 -10.74
C MET C 87 18.80 -22.64 -9.51
N GLN C 88 19.24 -23.80 -8.99
CA GLN C 88 18.62 -24.53 -7.90
C GLN C 88 18.43 -23.81 -6.60
N TRP C 89 19.46 -23.11 -6.13
CA TRP C 89 19.40 -22.34 -4.88
C TRP C 89 18.30 -21.29 -5.01
N GLY C 90 18.26 -20.62 -6.16
CA GLY C 90 17.23 -19.65 -6.51
C GLY C 90 15.84 -20.19 -6.24
N GLN C 91 15.57 -21.40 -6.73
CA GLN C 91 14.28 -22.04 -6.51
C GLN C 91 14.04 -22.36 -5.03
N LEU C 92 15.07 -22.89 -4.34
CA LEU C 92 15.02 -23.21 -2.90
C LEU C 92 14.73 -21.93 -2.13
N LEU C 93 15.53 -20.86 -2.41
CA LEU C 93 15.41 -19.51 -1.83
C LEU C 93 13.97 -18.96 -1.99
N ASP C 94 13.48 -18.95 -3.22
CA ASP C 94 12.12 -18.51 -3.52
C ASP C 94 11.10 -19.13 -2.58
N HIS C 95 11.29 -20.44 -2.21
CA HIS C 95 10.36 -21.22 -1.39
C HIS C 95 10.50 -20.96 0.10
N ASP C 96 11.45 -20.09 0.46
CA ASP C 96 11.64 -19.64 1.83
C ASP C 96 10.90 -18.30 1.96
N LEU C 97 10.68 -17.61 0.80
CA LEU C 97 10.11 -16.27 0.72
C LEU C 97 8.66 -16.16 0.35
N ASP C 98 8.26 -16.75 -0.77
CA ASP C 98 6.88 -16.61 -1.23
C ASP C 98 6.27 -17.83 -1.78
N PHE C 99 4.98 -18.01 -1.48
CA PHE C 99 4.08 -19.03 -2.03
C PHE C 99 2.69 -18.42 -2.09
N THR C 100 2.13 -18.27 -3.32
CA THR C 100 0.80 -17.69 -3.50
C THR C 100 -0.28 -18.77 -3.63
N PRO C 101 -1.08 -19.04 -2.57
CA PRO C 101 -2.12 -20.07 -2.68
C PRO C 101 -3.21 -19.79 -3.71
N GLU C 102 -3.74 -20.88 -4.31
CA GLU C 102 -4.88 -20.83 -5.24
C GLU C 102 -5.96 -21.80 -4.73
N PRO C 103 -7.24 -21.75 -5.21
CA PRO C 103 -8.24 -22.71 -4.71
C PRO C 103 -8.12 -24.08 -5.38
N VAL D 1 -16.94 -24.78 -10.83
CA VAL D 1 -16.19 -25.05 -12.07
C VAL D 1 -14.72 -25.41 -11.83
N ASN D 2 -14.25 -26.45 -12.53
CA ASN D 2 -12.91 -26.97 -12.36
C ASN D 2 -11.95 -26.47 -13.43
N CYS D 3 -10.99 -25.66 -13.01
CA CYS D 3 -9.97 -25.09 -13.90
C CYS D 3 -9.01 -26.15 -14.49
N GLU D 4 -8.85 -27.32 -13.78
CA GLU D 4 -8.06 -28.50 -14.19
C GLU D 4 -8.55 -29.07 -15.53
N THR D 5 -9.89 -29.15 -15.70
CA THR D 5 -10.52 -29.68 -16.92
C THR D 5 -11.17 -28.63 -17.85
N SER D 6 -12.13 -27.82 -17.33
CA SER D 6 -12.90 -26.80 -18.09
C SER D 6 -12.08 -25.71 -18.81
N CYS D 7 -12.67 -25.15 -19.87
CA CYS D 7 -12.08 -24.08 -20.67
C CYS D 7 -12.88 -22.80 -20.54
N VAL D 8 -13.94 -22.86 -19.74
CA VAL D 8 -14.82 -21.74 -19.50
C VAL D 8 -14.12 -20.74 -18.57
N GLN D 9 -14.20 -19.44 -18.91
CA GLN D 9 -13.64 -18.38 -18.11
C GLN D 9 -14.73 -17.84 -17.17
N GLN D 10 -15.00 -18.62 -16.11
CA GLN D 10 -15.88 -18.31 -14.99
C GLN D 10 -15.00 -18.40 -13.71
N PRO D 11 -15.18 -17.52 -12.70
CA PRO D 11 -14.34 -17.58 -11.48
C PRO D 11 -14.27 -18.98 -10.86
N PRO D 12 -13.12 -19.40 -10.29
CA PRO D 12 -11.84 -18.69 -10.14
C PRO D 12 -10.86 -19.04 -11.25
N CYS D 13 -11.40 -19.35 -12.41
CA CYS D 13 -10.56 -19.76 -13.51
C CYS D 13 -10.19 -18.58 -14.33
N PHE D 14 -9.04 -18.66 -14.95
CA PHE D 14 -8.57 -17.69 -15.93
C PHE D 14 -7.68 -18.47 -16.90
N PRO D 15 -8.30 -19.30 -17.79
CA PRO D 15 -7.47 -20.12 -18.68
C PRO D 15 -6.85 -19.32 -19.80
N LEU D 16 -5.64 -19.71 -20.15
CA LEU D 16 -4.83 -19.12 -21.20
C LEU D 16 -5.40 -19.63 -22.51
N LYS D 17 -5.98 -18.72 -23.35
CA LYS D 17 -6.54 -19.03 -24.66
C LYS D 17 -5.41 -19.45 -25.62
N ILE D 18 -5.77 -20.15 -26.72
CA ILE D 18 -4.78 -20.67 -27.68
C ILE D 18 -4.70 -19.81 -28.93
N PRO D 19 -3.51 -19.27 -29.26
CA PRO D 19 -3.38 -18.48 -30.50
C PRO D 19 -3.48 -19.36 -31.76
N PRO D 20 -3.85 -18.79 -32.93
CA PRO D 20 -3.89 -19.62 -34.15
C PRO D 20 -2.48 -20.03 -34.54
N ASN D 21 -2.37 -21.21 -35.21
CA ASN D 21 -1.09 -21.79 -35.65
C ASN D 21 -0.06 -21.89 -34.48
N ASP D 22 -0.54 -22.38 -33.32
CA ASP D 22 0.30 -22.61 -32.15
C ASP D 22 1.13 -23.85 -32.49
N PRO D 23 2.43 -23.91 -32.09
CA PRO D 23 3.26 -25.08 -32.45
C PRO D 23 2.87 -26.45 -31.89
N ARG D 24 1.91 -26.53 -30.94
CA ARG D 24 1.54 -27.80 -30.35
C ARG D 24 0.09 -27.97 -30.09
N ILE D 25 -0.62 -26.91 -29.68
CA ILE D 25 -2.07 -27.03 -29.46
C ILE D 25 -2.77 -26.53 -30.70
N LYS D 26 -3.27 -27.47 -31.53
CA LYS D 26 -3.94 -27.13 -32.78
C LYS D 26 -5.43 -26.87 -32.63
N ASN D 27 -6.04 -27.46 -31.58
CA ASN D 27 -7.45 -27.24 -31.27
C ASN D 27 -7.52 -25.91 -30.51
N GLN D 28 -8.14 -24.89 -31.13
CA GLN D 28 -8.26 -23.58 -30.51
C GLN D 28 -9.40 -23.48 -29.51
N ALA D 29 -10.23 -24.53 -29.39
CA ALA D 29 -11.30 -24.60 -28.40
C ALA D 29 -10.73 -25.10 -27.04
N ASP D 30 -9.48 -25.61 -27.08
CA ASP D 30 -8.71 -26.05 -25.90
C ASP D 30 -8.07 -24.82 -25.27
N CYS D 31 -7.34 -25.03 -24.16
CA CYS D 31 -6.70 -23.97 -23.37
C CYS D 31 -5.54 -24.53 -22.54
N ILE D 32 -4.94 -23.65 -21.71
CA ILE D 32 -3.95 -23.97 -20.69
C ILE D 32 -4.61 -23.69 -19.30
N PRO D 33 -4.70 -24.69 -18.39
CA PRO D 33 -5.38 -24.44 -17.10
C PRO D 33 -4.67 -23.45 -16.18
N PHE D 34 -5.48 -22.60 -15.52
CA PHE D 34 -5.00 -21.58 -14.61
C PHE D 34 -6.07 -21.21 -13.61
N PHE D 35 -5.70 -21.26 -12.32
CA PHE D 35 -6.56 -20.88 -11.20
C PHE D 35 -6.11 -19.50 -10.75
N ARG D 36 -7.06 -18.58 -10.60
CA ARG D 36 -6.71 -17.25 -10.11
C ARG D 36 -6.26 -17.36 -8.65
N SER D 37 -5.10 -16.77 -8.33
CA SER D 37 -4.56 -16.73 -6.97
C SER D 37 -5.64 -16.28 -5.99
N CYS D 38 -5.64 -16.82 -4.77
CA CYS D 38 -6.61 -16.49 -3.73
C CYS D 38 -6.65 -14.99 -3.39
N PRO D 39 -7.83 -14.33 -3.42
CA PRO D 39 -7.87 -12.91 -3.04
C PRO D 39 -7.68 -12.74 -1.52
N ALA D 40 -6.96 -11.69 -1.10
CA ALA D 40 -6.74 -11.40 0.34
C ALA D 40 -8.07 -11.00 1.01
N CYS D 41 -9.00 -10.48 0.21
CA CYS D 41 -10.30 -10.10 0.67
C CYS D 41 -11.42 -10.67 -0.25
N PRO D 42 -11.87 -11.93 0.00
CA PRO D 42 -12.87 -12.54 -0.88
C PRO D 42 -14.20 -11.79 -0.92
N GLY D 43 -14.71 -11.58 -2.13
CA GLY D 43 -15.95 -10.85 -2.37
C GLY D 43 -15.96 -9.45 -1.76
N SER D 44 -15.33 -8.50 -2.47
CA SER D 44 -15.24 -7.10 -2.03
C SER D 44 -15.23 -6.06 -3.13
N ASN D 45 -15.96 -4.97 -2.85
CA ASN D 45 -16.05 -3.78 -3.68
C ASN D 45 -14.81 -2.90 -3.36
N ILE D 46 -14.77 -2.41 -2.12
CA ILE D 46 -13.94 -1.40 -1.49
C ILE D 46 -12.46 -1.49 -1.79
N THR D 47 -11.95 -2.71 -1.71
CA THR D 47 -10.52 -2.95 -1.79
C THR D 47 -10.05 -3.45 -3.14
N ILE D 48 -8.91 -2.94 -3.63
CA ILE D 48 -8.32 -3.39 -4.88
C ILE D 48 -7.74 -4.79 -4.60
N ARG D 49 -8.20 -5.80 -5.39
CA ARG D 49 -7.78 -7.20 -5.29
C ARG D 49 -6.25 -7.37 -5.12
N ASN D 50 -5.87 -8.06 -4.04
CA ASN D 50 -4.49 -8.36 -3.71
C ASN D 50 -4.38 -9.85 -3.37
N GLN D 51 -3.17 -10.38 -3.43
CA GLN D 51 -2.90 -11.78 -3.19
C GLN D 51 -2.16 -11.99 -1.87
N ILE D 52 -2.15 -13.25 -1.39
CA ILE D 52 -1.56 -13.68 -0.12
C ILE D 52 -0.21 -14.36 -0.28
N ASN D 53 0.69 -14.17 0.69
CA ASN D 53 1.93 -14.91 0.83
C ASN D 53 1.65 -15.89 1.97
N ALA D 54 1.65 -17.21 1.67
CA ALA D 54 1.35 -18.23 2.69
C ALA D 54 2.57 -18.59 3.56
N LEU D 55 3.74 -17.99 3.25
CA LEU D 55 5.01 -18.24 3.95
C LEU D 55 5.55 -17.00 4.65
N THR D 56 6.54 -17.20 5.53
CA THR D 56 7.19 -16.10 6.22
C THR D 56 8.13 -15.46 5.20
N SER D 57 8.13 -14.13 5.11
CA SER D 57 8.95 -13.43 4.13
C SER D 57 10.40 -13.55 4.42
N PHE D 58 10.76 -13.74 5.68
CA PHE D 58 12.15 -13.84 6.12
C PHE D 58 12.86 -15.04 5.59
N VAL D 59 14.20 -14.93 5.48
CA VAL D 59 15.09 -16.02 5.11
C VAL D 59 15.37 -16.68 6.48
N ASP D 60 14.41 -17.52 6.87
CA ASP D 60 14.42 -18.20 8.14
C ASP D 60 14.28 -19.71 7.93
N ALA D 61 14.65 -20.21 6.72
CA ALA D 61 14.58 -21.61 6.30
C ALA D 61 13.17 -22.20 6.56
N SER D 62 12.12 -21.44 6.19
CA SER D 62 10.76 -21.94 6.39
C SER D 62 10.43 -23.01 5.32
N MET D 63 11.35 -23.22 4.32
CA MET D 63 11.14 -24.34 3.38
C MET D 63 11.43 -25.67 4.10
N VAL D 64 12.14 -25.63 5.23
CA VAL D 64 12.56 -26.76 6.08
C VAL D 64 11.57 -26.93 7.25
N TYR D 65 11.39 -25.86 8.06
CA TYR D 65 10.58 -25.85 9.29
C TYR D 65 9.09 -25.62 9.19
N GLY D 66 8.65 -24.94 8.14
CA GLY D 66 7.24 -24.58 7.96
C GLY D 66 6.93 -23.15 8.38
N SER D 67 5.78 -22.65 7.95
CA SER D 67 5.31 -21.29 8.23
C SER D 67 3.99 -21.23 9.06
N GLU D 68 3.46 -22.40 9.41
CA GLU D 68 2.27 -22.56 10.25
C GLU D 68 2.62 -23.54 11.38
N GLU D 69 2.12 -23.27 12.60
CA GLU D 69 2.41 -24.10 13.80
C GLU D 69 2.03 -25.59 13.67
N PRO D 70 0.85 -25.98 13.12
CA PRO D 70 0.54 -27.41 13.01
C PRO D 70 1.56 -28.18 12.18
N LEU D 71 1.89 -27.67 10.96
CA LEU D 71 2.87 -28.31 10.06
C LEU D 71 4.22 -28.43 10.75
N ALA D 72 4.72 -27.31 11.32
CA ALA D 72 6.00 -27.22 12.02
C ALA D 72 6.14 -28.29 13.11
N ARG D 73 5.08 -28.52 13.94
CA ARG D 73 5.13 -29.55 15.00
C ARG D 73 5.15 -30.94 14.35
N ASN D 74 4.35 -31.11 13.28
CA ASN D 74 4.21 -32.33 12.49
C ASN D 74 5.48 -32.76 11.75
N LEU D 75 6.42 -31.82 11.51
CA LEU D 75 7.67 -32.05 10.77
C LEU D 75 8.80 -32.53 11.66
N ARG D 76 8.60 -32.40 12.98
CA ARG D 76 9.54 -32.77 14.02
C ARG D 76 9.37 -34.22 14.52
N ASN D 77 10.45 -34.81 15.08
CA ASN D 77 10.42 -36.13 15.72
C ASN D 77 10.11 -35.86 17.21
N MET D 78 8.83 -36.08 17.58
CA MET D 78 8.27 -35.86 18.93
C MET D 78 8.39 -37.09 19.85
N SER D 79 8.96 -38.19 19.30
CA SER D 79 9.16 -39.44 19.99
C SER D 79 10.40 -39.51 20.92
N ASN D 80 11.09 -38.36 21.12
CA ASN D 80 12.25 -38.18 21.99
C ASN D 80 12.60 -36.68 22.19
N GLN D 81 13.48 -36.38 23.16
CA GLN D 81 13.96 -35.02 23.46
C GLN D 81 15.32 -34.75 22.78
N LEU D 82 15.48 -35.29 21.56
CA LEU D 82 16.67 -35.12 20.73
C LEU D 82 16.62 -33.91 19.78
N GLY D 83 15.45 -33.28 19.69
CA GLY D 83 15.20 -32.08 18.89
C GLY D 83 15.48 -32.24 17.42
N LEU D 84 15.00 -33.36 16.85
CA LEU D 84 15.20 -33.71 15.44
C LEU D 84 13.96 -33.52 14.56
N LEU D 85 14.22 -33.43 13.24
CA LEU D 85 13.17 -33.36 12.24
C LEU D 85 12.88 -34.78 11.81
N ALA D 86 11.60 -35.23 11.86
CA ALA D 86 11.18 -36.59 11.44
C ALA D 86 11.68 -36.99 10.03
N VAL D 87 12.13 -38.23 9.88
CA VAL D 87 12.66 -38.75 8.61
C VAL D 87 11.77 -39.87 8.06
N ASN D 88 11.97 -40.22 6.78
CA ASN D 88 11.20 -41.27 6.13
C ASN D 88 11.44 -42.64 6.78
N GLN D 89 10.33 -43.29 7.22
CA GLN D 89 10.39 -44.58 7.92
C GLN D 89 10.29 -45.80 7.00
N ARG D 90 10.00 -45.57 5.70
CA ARG D 90 9.88 -46.61 4.68
C ARG D 90 11.19 -46.77 3.87
N PHE D 91 12.02 -45.68 3.75
CA PHE D 91 13.25 -45.70 2.93
C PHE D 91 14.40 -44.82 3.47
N GLN D 92 15.61 -45.08 2.95
CA GLN D 92 16.84 -44.37 3.23
C GLN D 92 17.72 -44.36 1.99
N ASP D 93 18.64 -43.36 1.86
CA ASP D 93 19.57 -43.21 0.73
C ASP D 93 20.99 -43.59 1.19
N ASN D 94 21.37 -44.88 0.93
CA ASN D 94 22.66 -45.49 1.31
C ASN D 94 22.99 -45.29 2.80
N GLY D 95 21.98 -45.50 3.65
CA GLY D 95 22.09 -45.33 5.09
C GLY D 95 21.58 -43.99 5.54
N ARG D 96 21.93 -42.93 4.76
CA ARG D 96 21.55 -41.53 4.98
C ARG D 96 20.04 -41.24 4.83
N ALA D 97 19.56 -40.29 5.67
CA ALA D 97 18.20 -39.79 5.85
C ALA D 97 17.48 -39.25 4.59
N LEU D 98 16.13 -39.42 4.56
CA LEU D 98 15.22 -38.98 3.50
C LEU D 98 13.97 -38.30 4.10
N LEU D 99 13.41 -37.30 3.40
CA LEU D 99 12.23 -36.55 3.84
C LEU D 99 11.02 -37.46 4.04
N PRO D 100 10.19 -37.23 5.09
CA PRO D 100 8.99 -38.07 5.28
C PRO D 100 8.07 -38.02 4.07
N PHE D 101 7.33 -39.09 3.79
CA PHE D 101 6.35 -39.11 2.71
C PHE D 101 5.13 -38.32 3.16
N ASP D 102 4.40 -37.72 2.22
CA ASP D 102 3.25 -36.93 2.58
C ASP D 102 1.98 -37.58 2.06
N ASN D 103 0.89 -37.52 2.84
CA ASN D 103 -0.37 -38.12 2.47
C ASN D 103 -1.27 -37.09 1.79
N LEU D 104 -1.33 -37.15 0.43
CA LEU D 104 -2.13 -36.25 -0.41
C LEU D 104 -3.29 -36.98 -1.06
N HIS D 105 -4.52 -36.36 -1.04
CA HIS D 105 -5.72 -36.94 -1.64
C HIS D 105 -5.49 -37.34 -3.10
N ASP D 106 -4.99 -36.41 -3.95
CA ASP D 106 -4.73 -36.77 -5.34
C ASP D 106 -3.24 -36.62 -5.72
N ASP D 107 -2.36 -37.26 -4.92
CA ASP D 107 -0.89 -37.27 -5.03
C ASP D 107 -0.32 -37.37 -6.49
N PRO D 108 0.34 -36.30 -6.98
CA PRO D 108 0.88 -36.33 -8.35
C PRO D 108 2.15 -37.17 -8.55
N CYS D 109 2.93 -37.41 -7.47
CA CYS D 109 4.15 -38.20 -7.57
C CYS D 109 3.93 -39.68 -7.96
N LEU D 110 2.77 -40.24 -7.58
CA LEU D 110 2.39 -41.60 -7.94
C LEU D 110 2.18 -41.75 -9.48
N LEU D 111 1.76 -40.65 -10.15
CA LEU D 111 1.49 -40.60 -11.59
C LEU D 111 2.74 -40.61 -12.50
N THR D 112 3.92 -40.28 -11.95
CA THR D 112 5.18 -40.22 -12.69
C THR D 112 5.73 -41.60 -13.12
N ASN D 113 5.40 -42.62 -12.33
CA ASN D 113 5.76 -44.03 -12.52
C ASN D 113 4.74 -44.73 -11.65
N ARG D 114 3.70 -45.29 -12.30
CA ARG D 114 2.55 -45.96 -11.67
C ARG D 114 2.89 -47.21 -10.87
N SER D 115 3.81 -48.03 -11.42
CA SER D 115 4.26 -49.30 -10.86
C SER D 115 5.11 -49.14 -9.60
N ALA D 116 5.92 -48.05 -9.50
CA ALA D 116 6.80 -47.76 -8.37
C ALA D 116 6.06 -47.42 -7.08
N ARG D 117 4.86 -46.80 -7.18
CA ARG D 117 3.98 -46.40 -6.08
C ARG D 117 4.61 -45.54 -4.97
N ILE D 118 5.56 -44.66 -5.35
CA ILE D 118 6.27 -43.73 -4.46
C ILE D 118 5.54 -42.35 -4.43
N PRO D 119 5.10 -41.88 -3.23
CA PRO D 119 4.38 -40.60 -3.16
C PRO D 119 5.28 -39.36 -3.00
N CYS D 120 4.63 -38.18 -2.82
CA CYS D 120 5.28 -36.90 -2.62
C CYS D 120 5.90 -36.83 -1.22
N PHE D 121 6.91 -35.97 -1.07
CA PHE D 121 7.56 -35.76 0.22
C PHE D 121 6.86 -34.68 1.02
N LEU D 122 7.15 -34.64 2.31
CA LEU D 122 6.64 -33.66 3.26
C LEU D 122 7.84 -32.84 3.72
N ALA D 123 7.78 -31.52 3.53
CA ALA D 123 8.81 -30.58 3.96
C ALA D 123 8.17 -29.29 4.50
N GLY D 124 8.99 -28.30 4.87
CA GLY D 124 8.54 -27.00 5.37
C GLY D 124 7.70 -26.25 4.36
N ASP D 125 7.83 -26.63 3.07
CA ASP D 125 7.06 -26.08 1.96
C ASP D 125 6.44 -27.19 1.12
N THR D 126 5.20 -26.96 0.65
CA THR D 126 4.38 -27.85 -0.18
C THR D 126 4.94 -28.21 -1.57
N ARG D 127 6.00 -27.55 -2.03
CA ARG D 127 6.53 -27.78 -3.39
C ARG D 127 7.82 -28.64 -3.47
N SER D 128 8.16 -29.33 -2.35
CA SER D 128 9.35 -30.17 -2.16
C SER D 128 9.64 -31.20 -3.27
N SER D 129 8.60 -31.92 -3.73
CA SER D 129 8.74 -32.97 -4.75
C SER D 129 8.62 -32.48 -6.23
N GLU D 130 8.67 -31.15 -6.49
CA GLU D 130 8.53 -30.52 -7.81
C GLU D 130 9.56 -30.99 -8.82
N MET D 131 10.81 -31.06 -8.41
CA MET D 131 11.91 -31.57 -9.22
C MET D 131 12.94 -32.23 -8.30
N PRO D 132 13.47 -33.41 -8.67
CA PRO D 132 14.42 -34.13 -7.79
C PRO D 132 15.57 -33.29 -7.25
N GLU D 133 16.08 -32.34 -8.07
CA GLU D 133 17.13 -31.38 -7.71
C GLU D 133 16.71 -30.52 -6.49
N LEU D 134 15.42 -30.16 -6.43
CA LEU D 134 14.85 -29.39 -5.34
C LEU D 134 14.78 -30.26 -4.10
N THR D 135 14.19 -31.48 -4.21
CA THR D 135 14.07 -32.48 -3.14
C THR D 135 15.46 -32.82 -2.56
N SER D 136 16.54 -32.72 -3.37
CA SER D 136 17.89 -32.98 -2.92
C SER D 136 18.32 -31.93 -1.93
N MET D 137 18.15 -30.64 -2.30
CA MET D 137 18.46 -29.47 -1.46
C MET D 137 17.67 -29.51 -0.15
N HIS D 138 16.41 -29.97 -0.23
CA HIS D 138 15.53 -30.16 0.91
C HIS D 138 16.00 -31.30 1.82
N THR D 139 16.49 -32.41 1.22
CA THR D 139 17.02 -33.55 1.97
C THR D 139 18.36 -33.22 2.59
N LEU D 140 19.21 -32.48 1.86
CA LEU D 140 20.50 -32.02 2.36
C LEU D 140 20.29 -31.16 3.61
N LEU D 141 19.32 -30.22 3.58
CA LEU D 141 19.00 -29.35 4.71
C LEU D 141 18.40 -30.08 5.92
N LEU D 142 17.52 -31.09 5.69
CA LEU D 142 16.90 -31.96 6.72
C LEU D 142 18.03 -32.71 7.49
N ARG D 143 18.98 -33.28 6.71
CA ARG D 143 20.16 -33.96 7.25
C ARG D 143 21.03 -32.96 8.03
N GLU D 144 21.14 -31.70 7.54
CA GLU D 144 21.92 -30.70 8.26
C GLU D 144 21.35 -30.36 9.63
N HIS D 145 19.99 -30.12 9.73
CA HIS D 145 19.35 -29.84 11.02
C HIS D 145 19.69 -30.92 12.03
N ASN D 146 19.38 -32.19 11.66
CA ASN D 146 19.63 -33.39 12.43
C ASN D 146 21.12 -33.61 12.83
N ARG D 147 22.10 -33.19 11.96
CA ARG D 147 23.49 -33.32 12.39
C ARG D 147 23.92 -32.19 13.30
N LEU D 148 23.15 -31.09 13.33
CA LEU D 148 23.45 -29.98 14.26
C LEU D 148 22.88 -30.35 15.62
N ALA D 149 21.58 -30.74 15.68
CA ALA D 149 20.89 -31.15 16.91
C ALA D 149 21.67 -32.27 17.66
N THR D 150 22.35 -33.16 16.88
CA THR D 150 23.19 -34.24 17.40
C THR D 150 24.48 -33.64 18.00
N GLU D 151 25.32 -33.00 17.17
CA GLU D 151 26.58 -32.37 17.57
C GLU D 151 26.36 -31.49 18.81
N LEU D 152 25.16 -30.88 18.94
CA LEU D 152 24.77 -30.02 20.07
C LEU D 152 24.37 -30.82 21.31
N LYS D 153 23.66 -31.96 21.16
CA LYS D 153 23.28 -32.88 22.25
C LYS D 153 24.54 -33.47 22.96
N SER D 154 25.63 -33.76 22.18
CA SER D 154 26.90 -34.27 22.70
C SER D 154 27.65 -33.16 23.46
N LEU D 155 27.61 -31.90 22.96
CA LEU D 155 28.25 -30.72 23.56
C LEU D 155 27.51 -30.35 24.84
N ASN D 156 26.18 -30.24 24.72
CA ASN D 156 25.25 -29.86 25.76
C ASN D 156 24.21 -30.98 25.98
N PRO D 157 24.50 -31.94 26.88
CA PRO D 157 23.55 -33.05 27.10
C PRO D 157 22.32 -32.67 27.92
N ARG D 158 22.43 -31.58 28.73
CA ARG D 158 21.36 -31.07 29.58
C ARG D 158 20.19 -30.55 28.74
N TRP D 159 20.50 -29.93 27.56
CA TRP D 159 19.51 -29.37 26.62
C TRP D 159 18.42 -30.38 26.22
N ASP D 160 17.16 -29.93 26.25
CA ASP D 160 15.99 -30.73 25.87
C ASP D 160 15.71 -30.61 24.34
N GLY D 161 14.65 -31.31 23.89
CA GLY D 161 14.22 -31.31 22.50
C GLY D 161 14.05 -29.93 21.92
N GLU D 162 13.15 -29.12 22.51
CA GLU D 162 12.83 -27.74 22.12
C GLU D 162 14.09 -26.87 21.99
N ARG D 163 15.01 -26.98 22.95
CA ARG D 163 16.28 -26.23 22.93
C ARG D 163 17.18 -26.65 21.73
N LEU D 164 17.30 -27.98 21.50
CA LEU D 164 18.06 -28.58 20.41
C LEU D 164 17.47 -28.21 19.01
N TYR D 165 16.11 -28.29 18.88
CA TYR D 165 15.37 -27.93 17.67
C TYR D 165 15.64 -26.48 17.31
N GLN D 166 15.38 -25.58 18.29
CA GLN D 166 15.55 -24.15 18.13
C GLN D 166 16.93 -23.72 17.72
N GLU D 167 17.94 -24.15 18.49
CA GLU D 167 19.35 -23.84 18.25
C GLU D 167 19.84 -24.32 16.88
N ALA D 168 19.40 -25.54 16.46
CA ALA D 168 19.76 -26.10 15.15
C ALA D 168 19.04 -25.32 14.06
N ARG D 169 17.73 -25.01 14.26
CA ARG D 169 16.92 -24.20 13.34
C ARG D 169 17.59 -22.80 13.11
N LYS D 170 18.04 -22.18 14.21
CA LYS D 170 18.70 -20.89 14.24
C LYS D 170 19.97 -20.94 13.42
N ILE D 171 20.72 -22.08 13.51
CA ILE D 171 21.97 -22.28 12.78
C ILE D 171 21.69 -22.35 11.27
N VAL D 172 20.78 -23.28 10.87
CA VAL D 172 20.32 -23.48 9.50
C VAL D 172 19.86 -22.16 8.88
N GLY D 173 18.97 -21.43 9.56
CA GLY D 173 18.50 -20.12 9.11
C GLY D 173 19.66 -19.19 8.74
N ALA D 174 20.63 -19.04 9.68
CA ALA D 174 21.80 -18.20 9.44
C ALA D 174 22.59 -18.68 8.20
N MET D 175 22.76 -20.03 8.06
CA MET D 175 23.48 -20.60 6.92
C MET D 175 22.82 -20.23 5.57
N VAL D 176 21.47 -20.31 5.51
CA VAL D 176 20.68 -19.94 4.34
C VAL D 176 20.93 -18.46 4.05
N GLN D 177 20.98 -17.62 5.11
CA GLN D 177 21.27 -16.18 4.97
C GLN D 177 22.67 -15.93 4.38
N ILE D 178 23.71 -16.57 4.97
CA ILE D 178 25.10 -16.45 4.51
C ILE D 178 25.29 -16.89 3.06
N ILE D 179 24.73 -18.04 2.68
CA ILE D 179 24.83 -18.53 1.31
C ILE D 179 24.17 -17.55 0.34
N THR D 180 22.98 -17.06 0.75
CA THR D 180 22.18 -16.13 -0.03
C THR D 180 22.85 -14.79 -0.25
N TYR D 181 23.29 -14.12 0.84
CA TYR D 181 23.81 -12.79 0.77
C TYR D 181 25.27 -12.68 0.41
N ARG D 182 26.07 -13.68 0.81
CA ARG D 182 27.51 -13.66 0.55
C ARG D 182 27.83 -14.24 -0.84
N ASP D 183 27.18 -15.37 -1.18
CA ASP D 183 27.43 -16.09 -2.43
C ASP D 183 26.38 -16.03 -3.53
N TYR D 184 25.08 -16.08 -3.20
CA TYR D 184 24.06 -16.11 -4.25
C TYR D 184 23.82 -14.77 -4.94
N LEU D 185 23.18 -13.82 -4.22
CA LEU D 185 22.84 -12.47 -4.68
C LEU D 185 23.90 -11.72 -5.48
N PRO D 186 25.21 -11.64 -5.06
CA PRO D 186 26.20 -10.89 -5.88
C PRO D 186 26.34 -11.43 -7.31
N LEU D 187 26.11 -12.73 -7.50
CA LEU D 187 26.19 -13.40 -8.81
C LEU D 187 24.87 -13.24 -9.61
N VAL D 188 23.83 -12.80 -8.92
CA VAL D 188 22.55 -12.54 -9.53
C VAL D 188 22.56 -11.07 -10.02
N LEU D 189 22.87 -10.13 -9.10
CA LEU D 189 22.88 -8.69 -9.36
C LEU D 189 24.12 -8.12 -10.03
N GLY D 190 25.28 -8.67 -9.72
CA GLY D 190 26.54 -8.12 -10.22
C GLY D 190 27.04 -7.09 -9.22
N PRO D 191 28.37 -6.81 -9.23
CA PRO D 191 28.95 -5.86 -8.27
C PRO D 191 28.31 -4.49 -8.04
N THR D 192 27.96 -3.76 -9.11
CA THR D 192 27.36 -2.41 -9.02
C THR D 192 26.01 -2.40 -8.32
N ALA D 193 25.06 -3.23 -8.77
CA ALA D 193 23.72 -3.33 -8.18
C ALA D 193 23.83 -3.83 -6.75
N MET D 194 24.84 -4.69 -6.48
CA MET D 194 25.08 -5.21 -5.14
C MET D 194 25.47 -4.06 -4.24
N ARG D 195 26.37 -3.17 -4.69
CA ARG D 195 26.81 -1.99 -3.93
C ARG D 195 25.63 -1.00 -3.79
N LYS D 196 24.78 -0.88 -4.84
CA LYS D 196 23.65 0.03 -4.92
C LYS D 196 22.47 -0.36 -4.03
N TYR D 197 21.89 -1.56 -4.23
CA TYR D 197 20.75 -2.04 -3.45
C TYR D 197 21.14 -2.78 -2.16
N LEU D 198 22.39 -3.25 -2.06
CA LEU D 198 22.77 -3.98 -0.86
C LEU D 198 24.06 -3.49 -0.22
N PRO D 199 24.16 -2.20 0.16
CA PRO D 199 25.38 -1.74 0.83
C PRO D 199 25.56 -2.42 2.17
N THR D 200 26.81 -2.50 2.66
CA THR D 200 27.20 -3.15 3.92
C THR D 200 26.18 -2.94 5.03
N TYR D 201 25.63 -4.04 5.52
CA TYR D 201 24.66 -4.03 6.61
C TYR D 201 25.23 -3.26 7.79
N ARG D 202 24.46 -2.31 8.33
CA ARG D 202 24.83 -1.51 9.51
C ARG D 202 24.19 -2.23 10.70
N SER D 203 22.83 -2.25 10.78
CA SER D 203 22.02 -2.95 11.80
C SER D 203 20.50 -3.01 11.49
N TYR D 204 19.72 -3.73 12.34
CA TYR D 204 18.26 -3.81 12.27
C TYR D 204 17.62 -2.43 12.28
N ASN D 205 16.51 -2.32 11.57
CA ASN D 205 15.73 -1.11 11.42
C ASN D 205 14.25 -1.51 11.40
N ASP D 206 13.54 -1.31 12.54
CA ASP D 206 12.13 -1.69 12.68
C ASP D 206 11.13 -0.87 11.82
N SER D 207 11.67 0.07 11.02
CA SER D 207 10.93 0.94 10.14
C SER D 207 11.02 0.46 8.70
N VAL D 208 11.76 -0.66 8.45
CA VAL D 208 11.88 -1.23 7.10
C VAL D 208 10.79 -2.34 6.93
N ASP D 209 9.96 -2.26 5.87
CA ASP D 209 8.90 -3.23 5.64
C ASP D 209 9.48 -4.56 5.09
N PRO D 210 9.54 -5.63 5.92
CA PRO D 210 10.12 -6.89 5.44
C PRO D 210 9.20 -7.75 4.56
N ARG D 211 8.03 -7.23 4.18
CA ARG D 211 7.08 -7.98 3.36
C ARG D 211 7.52 -8.19 1.93
N ILE D 212 7.06 -9.29 1.32
CA ILE D 212 7.33 -9.57 -0.08
C ILE D 212 6.36 -8.72 -0.87
N ALA D 213 6.90 -7.97 -1.84
CA ALA D 213 6.06 -7.16 -2.73
C ALA D 213 5.44 -8.13 -3.77
N ASN D 214 4.17 -7.89 -4.09
CA ASN D 214 3.44 -8.66 -5.08
C ASN D 214 4.29 -8.83 -6.38
N VAL D 215 4.98 -7.76 -6.85
CA VAL D 215 5.88 -7.77 -8.01
C VAL D 215 6.99 -8.84 -7.93
N PHE D 216 7.74 -8.85 -6.80
CA PHE D 216 8.85 -9.78 -6.55
C PHE D 216 8.47 -11.22 -6.89
N THR D 217 7.24 -11.68 -6.50
CA THR D 217 6.73 -13.02 -6.81
C THR D 217 6.88 -13.36 -8.30
N ASN D 218 6.79 -12.32 -9.16
CA ASN D 218 6.93 -12.51 -10.60
C ASN D 218 8.34 -12.25 -11.02
N ALA D 219 8.92 -11.13 -10.58
CA ALA D 219 10.28 -10.74 -10.95
C ALA D 219 11.31 -11.82 -10.68
N PHE D 220 11.23 -12.46 -9.49
CA PHE D 220 12.14 -13.53 -9.06
C PHE D 220 12.04 -14.82 -9.91
N ARG D 221 10.99 -14.95 -10.75
CA ARG D 221 10.83 -16.07 -11.68
C ARG D 221 11.80 -15.89 -12.87
N TYR D 222 12.82 -15.01 -12.72
CA TYR D 222 13.84 -14.76 -13.74
C TYR D 222 14.63 -16.05 -13.89
N GLY D 223 14.66 -16.84 -12.81
CA GLY D 223 15.38 -18.10 -12.67
C GLY D 223 15.00 -19.12 -13.71
N HIS D 224 13.77 -19.00 -14.24
CA HIS D 224 13.25 -19.86 -15.30
C HIS D 224 14.10 -19.84 -16.59
N THR D 225 14.92 -18.79 -16.75
CA THR D 225 15.83 -18.63 -17.89
C THR D 225 17.12 -19.43 -17.64
N LEU D 226 17.42 -19.74 -16.37
CA LEU D 226 18.60 -20.47 -15.91
C LEU D 226 18.38 -21.99 -15.96
N ILE D 227 17.12 -22.44 -16.15
CA ILE D 227 16.74 -23.85 -16.21
C ILE D 227 17.35 -24.57 -17.44
N GLN D 228 18.02 -25.72 -17.21
CA GLN D 228 18.60 -26.61 -18.23
C GLN D 228 17.52 -27.68 -18.59
N PRO D 229 17.47 -28.25 -19.81
CA PRO D 229 16.39 -29.22 -20.15
C PRO D 229 16.54 -30.64 -19.62
N PHE D 230 17.66 -30.98 -18.98
CA PHE D 230 17.84 -32.34 -18.45
C PHE D 230 18.23 -32.37 -17.00
N MET D 231 17.96 -33.52 -16.33
CA MET D 231 18.45 -33.74 -14.98
C MET D 231 19.74 -34.53 -15.19
N PHE D 232 20.88 -33.91 -14.85
CA PHE D 232 22.19 -34.48 -15.05
C PHE D 232 22.68 -35.21 -13.81
N ARG D 233 22.74 -36.55 -13.89
CA ARG D 233 23.25 -37.34 -12.77
C ARG D 233 24.71 -37.74 -13.01
N LEU D 234 25.52 -37.77 -11.94
CA LEU D 234 26.94 -38.16 -11.99
C LEU D 234 27.34 -39.19 -10.90
N ASP D 235 28.03 -40.29 -11.32
CA ASP D 235 28.52 -41.35 -10.43
C ASP D 235 29.65 -40.86 -9.49
N ASN D 236 30.13 -41.76 -8.59
CA ASN D 236 31.21 -41.54 -7.61
C ASN D 236 32.41 -40.76 -8.18
N ARG D 237 32.74 -41.01 -9.46
CA ARG D 237 33.86 -40.39 -10.16
C ARG D 237 33.44 -39.25 -11.12
N TYR D 238 32.31 -38.55 -10.79
CA TYR D 238 31.73 -37.41 -11.55
C TYR D 238 31.52 -37.71 -13.05
N GLN D 239 31.18 -38.95 -13.37
CA GLN D 239 30.96 -39.39 -14.74
C GLN D 239 29.49 -39.73 -15.01
N PRO D 240 28.97 -39.51 -16.24
CA PRO D 240 27.56 -39.83 -16.51
C PRO D 240 27.10 -41.16 -15.91
N MET D 241 26.13 -41.12 -15.01
CA MET D 241 25.64 -42.33 -14.37
C MET D 241 24.53 -42.99 -15.19
N GLU D 242 24.81 -44.22 -15.67
CA GLU D 242 23.90 -45.05 -16.46
C GLU D 242 23.13 -45.96 -15.48
N PRO D 243 21.83 -46.28 -15.71
CA PRO D 243 20.96 -45.82 -16.80
C PRO D 243 20.38 -44.43 -16.52
N ASN D 244 19.96 -43.74 -17.60
CA ASN D 244 19.34 -42.41 -17.59
C ASN D 244 20.26 -41.27 -17.03
N PRO D 245 21.45 -40.96 -17.63
CA PRO D 245 22.27 -39.85 -17.12
C PRO D 245 21.67 -38.45 -17.38
N ARG D 246 21.19 -38.18 -18.63
CA ARG D 246 20.57 -36.92 -19.08
C ARG D 246 19.06 -37.13 -19.26
N VAL D 247 18.30 -37.19 -18.15
CA VAL D 247 16.85 -37.39 -18.21
C VAL D 247 16.11 -36.09 -18.61
N PRO D 248 15.20 -36.13 -19.61
CA PRO D 248 14.41 -34.93 -19.93
C PRO D 248 13.58 -34.48 -18.73
N LEU D 249 13.56 -33.14 -18.49
CA LEU D 249 12.82 -32.53 -17.38
C LEU D 249 11.35 -32.91 -17.37
N SER D 250 10.72 -33.08 -18.55
CA SER D 250 9.30 -33.46 -18.68
C SER D 250 9.00 -34.80 -18.01
N ARG D 251 10.06 -35.57 -17.70
CA ARG D 251 9.98 -36.88 -17.07
C ARG D 251 10.46 -36.91 -15.60
N VAL D 252 11.04 -35.77 -15.10
CA VAL D 252 11.52 -35.57 -13.69
C VAL D 252 10.52 -34.79 -12.80
N PHE D 253 9.61 -33.96 -13.38
CA PHE D 253 8.66 -33.20 -12.54
C PHE D 253 7.82 -34.16 -11.75
N PHE D 254 7.86 -34.02 -10.41
CA PHE D 254 7.17 -34.85 -9.44
C PHE D 254 7.63 -36.30 -9.37
N ALA D 255 8.72 -36.64 -10.09
CA ALA D 255 9.26 -37.99 -10.09
C ALA D 255 10.06 -38.24 -8.80
N SER D 256 9.34 -38.33 -7.66
CA SER D 256 9.90 -38.57 -6.33
C SER D 256 10.56 -39.95 -6.29
N TRP D 257 9.99 -40.91 -7.08
CA TRP D 257 10.48 -42.27 -7.27
C TRP D 257 11.94 -42.28 -7.74
N ARG D 258 12.34 -41.26 -8.53
CA ARG D 258 13.71 -41.14 -9.03
C ARG D 258 14.71 -40.90 -7.91
N VAL D 259 14.24 -40.35 -6.78
CA VAL D 259 15.14 -40.10 -5.66
C VAL D 259 15.24 -41.36 -4.81
N VAL D 260 14.08 -41.99 -4.53
CA VAL D 260 13.99 -43.22 -3.74
C VAL D 260 14.60 -44.43 -4.53
N LEU D 261 14.06 -44.72 -5.72
CA LEU D 261 14.44 -45.90 -6.51
C LEU D 261 15.55 -45.74 -7.58
N GLU D 262 16.17 -44.54 -7.71
CA GLU D 262 17.24 -44.34 -8.72
C GLU D 262 18.57 -43.80 -8.17
N GLY D 263 18.88 -44.19 -6.94
CA GLY D 263 20.15 -43.87 -6.30
C GLY D 263 20.30 -42.59 -5.52
N GLY D 264 19.23 -42.16 -4.85
CA GLY D 264 19.19 -41.01 -3.97
C GLY D 264 19.63 -39.67 -4.51
N ILE D 265 20.11 -38.81 -3.60
CA ILE D 265 20.46 -37.42 -3.87
C ILE D 265 21.87 -37.15 -4.32
N ASP D 266 22.83 -38.01 -3.94
CA ASP D 266 24.27 -37.87 -4.26
C ASP D 266 24.59 -37.68 -5.78
N PRO D 267 24.00 -38.46 -6.71
CA PRO D 267 24.27 -38.19 -8.14
C PRO D 267 23.72 -36.82 -8.56
N ILE D 268 22.49 -36.47 -8.08
CA ILE D 268 21.79 -35.21 -8.35
C ILE D 268 22.61 -33.98 -7.95
N LEU D 269 23.11 -33.94 -6.71
CA LEU D 269 23.95 -32.86 -6.21
C LEU D 269 25.25 -32.76 -7.01
N ARG D 270 25.80 -33.92 -7.42
CA ARG D 270 27.03 -33.93 -8.21
C ARG D 270 26.74 -33.27 -9.56
N GLY D 271 25.60 -33.65 -10.14
CA GLY D 271 25.08 -33.10 -11.38
C GLY D 271 24.88 -31.60 -11.27
N LEU D 272 24.28 -31.12 -10.16
CA LEU D 272 24.07 -29.68 -9.92
C LEU D 272 25.41 -28.91 -9.81
N MET D 273 26.40 -29.49 -9.13
CA MET D 273 27.71 -28.86 -8.93
C MET D 273 28.56 -28.82 -10.20
N ALA D 274 28.51 -29.91 -10.99
CA ALA D 274 29.35 -30.08 -12.18
C ALA D 274 28.71 -29.79 -13.54
N THR D 275 27.44 -29.37 -13.56
CA THR D 275 26.79 -29.00 -14.82
C THR D 275 26.62 -27.49 -14.85
N PRO D 276 26.93 -26.80 -15.99
CA PRO D 276 26.68 -25.34 -16.07
C PRO D 276 25.18 -25.05 -16.17
N ALA D 277 24.78 -23.84 -15.75
CA ALA D 277 23.38 -23.44 -15.85
C ALA D 277 23.13 -22.97 -17.29
N LYS D 278 21.86 -22.82 -17.67
CA LYS D 278 21.54 -22.29 -18.99
C LYS D 278 21.80 -20.79 -18.88
N LEU D 279 22.30 -20.19 -19.94
CA LEU D 279 22.58 -18.75 -19.96
C LEU D 279 21.43 -18.05 -20.68
N ASN D 280 20.92 -16.96 -20.08
CA ASN D 280 19.82 -16.20 -20.67
C ASN D 280 20.37 -15.38 -21.83
N ARG D 281 19.83 -15.63 -23.03
CA ARG D 281 20.13 -14.88 -24.24
C ARG D 281 18.81 -14.39 -24.79
N GLN D 282 18.82 -13.26 -25.48
CA GLN D 282 17.63 -12.61 -26.03
C GLN D 282 16.92 -13.43 -27.10
N ASN D 283 17.63 -14.39 -27.69
CA ASN D 283 17.13 -15.30 -28.74
C ASN D 283 17.04 -16.72 -28.18
N GLN D 284 17.34 -16.87 -26.87
CA GLN D 284 17.33 -18.12 -26.12
C GLN D 284 16.83 -17.87 -24.67
N ILE D 285 15.54 -17.54 -24.50
CA ILE D 285 14.98 -17.23 -23.17
C ILE D 285 14.74 -18.44 -22.26
N ALA D 286 13.81 -19.33 -22.65
CA ALA D 286 13.48 -20.53 -21.88
C ALA D 286 13.24 -21.72 -22.80
N VAL D 287 13.71 -22.88 -22.34
CA VAL D 287 13.63 -24.19 -22.98
C VAL D 287 12.20 -24.73 -23.11
N ASP D 288 12.02 -25.66 -24.08
CA ASP D 288 10.72 -26.27 -24.33
C ASP D 288 10.26 -27.30 -23.31
N GLU D 289 11.15 -27.75 -22.40
CA GLU D 289 10.77 -28.68 -21.32
C GLU D 289 9.80 -28.00 -20.32
N ILE D 290 9.92 -26.65 -20.17
CA ILE D 290 9.05 -25.81 -19.34
C ILE D 290 8.07 -24.99 -20.19
N ARG D 291 8.44 -24.72 -21.45
CA ARG D 291 7.59 -23.97 -22.36
C ARG D 291 6.48 -24.81 -23.03
N GLU D 292 6.72 -26.11 -23.20
CA GLU D 292 5.82 -27.01 -23.91
C GLU D 292 5.43 -28.26 -23.16
N ARG D 293 6.29 -28.73 -22.23
CA ARG D 293 6.00 -30.00 -21.55
C ARG D 293 5.98 -29.95 -20.03
N LEU D 294 5.74 -28.75 -19.43
CA LEU D 294 5.69 -28.60 -17.97
C LEU D 294 4.54 -29.41 -17.43
N PHE D 295 4.88 -30.39 -16.57
CA PHE D 295 3.98 -31.31 -15.87
C PHE D 295 3.21 -32.23 -16.82
N GLU D 296 3.87 -32.63 -17.93
CA GLU D 296 3.34 -33.48 -19.00
C GLU D 296 2.72 -34.78 -18.43
N GLN D 297 3.53 -35.55 -17.65
CA GLN D 297 3.17 -36.84 -17.03
C GLN D 297 1.99 -36.82 -16.07
N VAL D 298 1.79 -35.69 -15.36
CA VAL D 298 0.77 -35.57 -14.30
C VAL D 298 -0.44 -34.74 -14.66
N MET D 299 -0.40 -34.05 -15.80
CA MET D 299 -1.42 -33.09 -16.24
C MET D 299 -2.10 -33.51 -17.56
N ARG D 300 -3.39 -33.20 -17.72
CA ARG D 300 -4.18 -33.45 -18.93
C ARG D 300 -3.56 -32.87 -20.23
N ILE D 301 -2.63 -31.91 -20.05
CA ILE D 301 -1.93 -31.13 -21.09
C ILE D 301 -0.62 -30.55 -20.50
N GLY D 302 0.44 -30.49 -21.31
CA GLY D 302 1.72 -29.94 -20.88
C GLY D 302 1.62 -28.45 -20.85
N LEU D 303 1.94 -27.82 -19.70
CA LEU D 303 1.86 -26.39 -19.43
C LEU D 303 3.03 -25.61 -20.06
N ASP D 304 2.90 -24.28 -20.10
CA ASP D 304 3.87 -23.32 -20.63
C ASP D 304 4.20 -22.39 -19.46
N LEU D 305 5.31 -22.66 -18.73
CA LEU D 305 5.71 -21.84 -17.57
C LEU D 305 5.83 -20.32 -17.89
N PRO D 306 6.57 -19.88 -18.96
CA PRO D 306 6.62 -18.44 -19.27
C PRO D 306 5.25 -17.79 -19.53
N ALA D 307 4.33 -18.51 -20.19
CA ALA D 307 2.98 -17.99 -20.39
C ALA D 307 2.24 -17.90 -19.03
N LEU D 308 2.46 -18.90 -18.15
CA LEU D 308 1.83 -18.94 -16.82
C LEU D 308 2.30 -17.74 -16.01
N ASN D 309 3.63 -17.44 -16.09
CA ASN D 309 4.26 -16.29 -15.45
C ASN D 309 3.57 -15.00 -15.88
N MET D 310 3.30 -14.83 -17.21
CA MET D 310 2.64 -13.64 -17.76
C MET D 310 1.17 -13.56 -17.43
N GLN D 311 0.44 -14.67 -17.43
CA GLN D 311 -0.98 -14.65 -17.04
C GLN D 311 -1.07 -14.34 -15.55
N ARG D 312 -0.11 -14.88 -14.75
CA ARG D 312 -0.03 -14.64 -13.31
C ARG D 312 0.13 -13.17 -12.95
N SER D 313 0.99 -12.43 -13.66
CA SER D 313 1.14 -10.99 -13.41
C SER D 313 -0.17 -10.25 -13.74
N ARG D 314 -0.88 -10.72 -14.80
CA ARG D 314 -2.17 -10.13 -15.18
C ARG D 314 -3.21 -10.43 -14.10
N ASP D 315 -3.22 -11.67 -13.61
CA ASP D 315 -4.07 -12.13 -12.51
C ASP D 315 -3.78 -11.25 -11.28
N HIS D 316 -2.49 -11.00 -11.03
CA HIS D 316 -2.00 -10.24 -9.89
C HIS D 316 -2.18 -8.72 -10.01
N GLY D 317 -2.67 -8.27 -11.16
CA GLY D 317 -2.92 -6.86 -11.45
C GLY D 317 -1.66 -6.04 -11.54
N LEU D 318 -0.54 -6.68 -11.88
CA LEU D 318 0.75 -5.98 -11.95
C LEU D 318 0.86 -4.95 -13.09
N PRO D 319 1.38 -3.74 -12.81
CA PRO D 319 1.65 -2.77 -13.90
C PRO D 319 2.66 -3.29 -14.93
N GLY D 320 2.67 -2.68 -16.11
CA GLY D 320 3.58 -3.05 -17.18
C GLY D 320 5.00 -2.57 -16.98
N TYR D 321 5.84 -2.85 -17.97
CA TYR D 321 7.26 -2.54 -18.06
C TYR D 321 7.64 -1.10 -17.71
N ASN D 322 7.10 -0.09 -18.45
CA ASN D 322 7.44 1.33 -18.25
C ASN D 322 7.17 1.83 -16.83
N ALA D 323 6.01 1.44 -16.23
CA ALA D 323 5.64 1.80 -14.87
C ALA D 323 6.71 1.31 -13.87
N TRP D 324 7.17 0.06 -14.07
CA TRP D 324 8.21 -0.51 -13.22
C TRP D 324 9.57 0.13 -13.46
N ARG D 325 9.85 0.54 -14.74
CA ARG D 325 11.10 1.23 -15.08
C ARG D 325 11.10 2.60 -14.39
N ARG D 326 9.95 3.34 -14.50
CA ARG D 326 9.75 4.64 -13.86
C ARG D 326 9.98 4.53 -12.34
N PHE D 327 9.43 3.48 -11.72
CA PHE D 327 9.52 3.18 -10.29
C PHE D 327 10.97 2.99 -9.87
N CYS D 328 11.74 2.33 -10.71
CA CYS D 328 13.15 2.01 -10.50
C CYS D 328 14.10 3.17 -10.82
N GLY D 329 13.56 4.24 -11.39
CA GLY D 329 14.32 5.43 -11.79
C GLY D 329 15.06 5.21 -13.09
N LEU D 330 14.48 4.36 -13.97
CA LEU D 330 15.06 4.01 -15.28
C LEU D 330 14.26 4.61 -16.45
N PRO D 331 14.94 4.98 -17.57
CA PRO D 331 14.22 5.55 -18.73
C PRO D 331 13.12 4.62 -19.24
N GLN D 332 11.98 5.22 -19.61
CA GLN D 332 10.83 4.49 -20.12
C GLN D 332 10.73 4.68 -21.64
N PRO D 333 11.14 3.68 -22.46
CA PRO D 333 11.05 3.85 -23.93
C PRO D 333 9.61 3.86 -24.41
N GLU D 334 9.23 4.82 -25.25
CA GLU D 334 7.86 4.86 -25.78
C GLU D 334 7.78 4.24 -27.17
N THR D 335 8.89 4.33 -27.94
CA THR D 335 8.96 3.84 -29.31
C THR D 335 9.85 2.62 -29.50
N VAL D 336 9.64 1.92 -30.62
CA VAL D 336 10.40 0.75 -31.06
C VAL D 336 11.94 1.02 -31.06
N GLY D 337 12.33 2.18 -31.60
CA GLY D 337 13.72 2.60 -31.64
C GLY D 337 14.32 2.72 -30.24
N GLN D 338 13.56 3.42 -29.36
CA GLN D 338 13.91 3.66 -27.97
C GLN D 338 14.03 2.32 -27.22
N LEU D 339 13.11 1.37 -27.54
CA LEU D 339 13.10 0.05 -26.93
C LEU D 339 14.37 -0.70 -27.33
N GLY D 340 14.72 -0.62 -28.63
CA GLY D 340 15.92 -1.18 -29.22
C GLY D 340 17.20 -0.66 -28.58
N THR D 341 17.18 0.60 -28.15
CA THR D 341 18.33 1.23 -27.46
C THR D 341 18.44 0.59 -26.08
N VAL D 342 17.28 0.45 -25.40
CA VAL D 342 17.21 -0.13 -24.04
C VAL D 342 17.69 -1.60 -24.07
N LEU D 343 17.16 -2.38 -25.02
CA LEU D 343 17.48 -3.79 -25.16
C LEU D 343 18.76 -4.10 -25.99
N ARG D 344 19.45 -3.05 -26.50
CA ARG D 344 20.64 -3.14 -27.38
C ARG D 344 20.32 -4.16 -28.49
N ASN D 345 19.03 -4.26 -28.87
CA ASN D 345 18.54 -5.23 -29.84
C ASN D 345 17.25 -4.68 -30.39
N LEU D 346 17.22 -4.37 -31.68
CA LEU D 346 16.02 -3.84 -32.30
C LEU D 346 15.15 -4.98 -32.79
N LYS D 347 15.76 -6.14 -33.16
CA LYS D 347 15.00 -7.31 -33.61
C LYS D 347 13.99 -7.72 -32.54
N LEU D 348 14.46 -7.80 -31.27
CA LEU D 348 13.66 -8.13 -30.09
C LEU D 348 12.65 -7.03 -29.79
N ALA D 349 13.09 -5.75 -29.93
CA ALA D 349 12.24 -4.59 -29.74
C ALA D 349 11.00 -4.62 -30.68
N ARG D 350 11.20 -4.99 -31.99
CA ARG D 350 10.11 -5.09 -33.00
C ARG D 350 9.12 -6.20 -32.59
N LYS D 351 9.66 -7.39 -32.22
CA LYS D 351 8.91 -8.57 -31.77
C LYS D 351 8.06 -8.24 -30.55
N LEU D 352 8.65 -7.54 -29.55
CA LEU D 352 7.93 -7.11 -28.35
C LEU D 352 6.89 -6.07 -28.68
N MET D 353 7.20 -5.08 -29.54
CA MET D 353 6.21 -4.08 -29.93
C MET D 353 5.03 -4.70 -30.68
N GLU D 354 5.31 -5.62 -31.66
CA GLU D 354 4.27 -6.29 -32.44
C GLU D 354 3.31 -7.14 -31.65
N GLN D 355 3.67 -7.53 -30.42
CA GLN D 355 2.82 -8.28 -29.48
C GLN D 355 2.04 -7.32 -28.60
N TYR D 356 2.75 -6.39 -27.93
CA TYR D 356 2.20 -5.46 -26.95
C TYR D 356 1.63 -4.15 -27.44
N GLY D 357 2.18 -3.64 -28.54
CA GLY D 357 1.79 -2.36 -29.13
C GLY D 357 2.63 -1.23 -28.60
N THR D 358 2.72 -1.16 -27.27
CA THR D 358 3.45 -0.14 -26.53
C THR D 358 4.36 -0.80 -25.48
N PRO D 359 5.57 -0.28 -25.23
CA PRO D 359 6.39 -0.84 -24.13
C PRO D 359 5.75 -0.66 -22.75
N ASN D 360 4.60 0.05 -22.67
CA ASN D 360 3.84 0.24 -21.43
C ASN D 360 3.17 -1.06 -21.01
N ASN D 361 2.69 -1.86 -22.00
CA ASN D 361 1.98 -3.13 -21.80
C ASN D 361 2.85 -4.36 -21.64
N ILE D 362 4.16 -4.29 -21.96
CA ILE D 362 5.01 -5.46 -21.78
C ILE D 362 4.85 -5.97 -20.35
N ASP D 363 4.45 -7.26 -20.20
CA ASP D 363 4.28 -7.96 -18.94
C ASP D 363 5.67 -7.95 -18.24
N ILE D 364 5.68 -7.60 -16.93
CA ILE D 364 6.89 -7.49 -16.11
C ILE D 364 7.95 -8.57 -16.27
N TRP D 365 7.54 -9.85 -16.21
CA TRP D 365 8.47 -10.97 -16.38
C TRP D 365 9.14 -10.87 -17.75
N MET D 366 8.30 -10.76 -18.82
CA MET D 366 8.74 -10.70 -20.22
C MET D 366 9.70 -9.55 -20.48
N GLY D 367 9.40 -8.38 -19.91
CA GLY D 367 10.24 -7.20 -20.01
C GLY D 367 11.58 -7.45 -19.35
N GLY D 368 11.51 -7.79 -18.06
CA GLY D 368 12.69 -8.08 -17.26
C GLY D 368 13.68 -9.05 -17.87
N VAL D 369 13.17 -10.16 -18.42
CA VAL D 369 14.01 -11.19 -19.01
C VAL D 369 14.62 -10.81 -20.38
N SER D 370 14.04 -9.80 -21.03
CA SER D 370 14.48 -9.29 -22.34
C SER D 370 15.67 -8.34 -22.24
N GLU D 371 15.91 -7.71 -21.07
CA GLU D 371 17.01 -6.75 -20.89
C GLU D 371 18.41 -7.38 -20.92
N PRO D 372 19.39 -6.75 -21.59
CA PRO D 372 20.77 -7.25 -21.53
C PRO D 372 21.25 -7.32 -20.05
N LEU D 373 22.07 -8.33 -19.71
CA LEU D 373 22.49 -8.55 -18.33
C LEU D 373 23.52 -7.54 -17.80
N LYS D 374 23.55 -7.33 -16.48
CA LYS D 374 24.52 -6.46 -15.82
C LYS D 374 25.96 -7.10 -15.87
N ARG D 375 27.04 -6.32 -15.60
CA ARG D 375 28.41 -6.85 -15.59
C ARG D 375 28.55 -7.80 -14.38
N LYS D 376 28.96 -9.05 -14.65
CA LYS D 376 29.13 -10.15 -13.68
C LYS D 376 27.79 -10.51 -12.94
N GLY D 377 26.68 -10.18 -13.59
CA GLY D 377 25.34 -10.48 -13.11
C GLY D 377 24.54 -11.29 -14.11
N ARG D 378 23.38 -11.82 -13.67
CA ARG D 378 22.50 -12.61 -14.53
C ARG D 378 21.07 -12.03 -14.64
N VAL D 379 20.92 -10.71 -14.37
CA VAL D 379 19.67 -9.94 -14.51
C VAL D 379 19.99 -8.61 -15.14
N GLY D 380 18.98 -7.99 -15.74
CA GLY D 380 19.08 -6.67 -16.36
C GLY D 380 18.88 -5.55 -15.35
N PRO D 381 19.00 -4.26 -15.77
CA PRO D 381 18.81 -3.15 -14.83
C PRO D 381 17.53 -3.16 -13.95
N LEU D 382 16.34 -3.38 -14.54
CA LEU D 382 15.03 -3.43 -13.87
C LEU D 382 14.86 -4.57 -12.82
N LEU D 383 15.17 -5.81 -13.22
CA LEU D 383 15.07 -6.96 -12.32
C LEU D 383 16.10 -6.83 -11.19
N ALA D 384 17.29 -6.24 -11.49
CA ALA D 384 18.31 -5.99 -10.46
C ALA D 384 17.76 -5.01 -9.44
N CYS D 385 16.89 -4.13 -9.89
CA CYS D 385 16.27 -3.21 -8.99
C CYS D 385 15.19 -3.90 -8.11
N ILE D 386 14.20 -4.56 -8.75
CA ILE D 386 13.16 -5.26 -7.99
C ILE D 386 13.79 -6.28 -7.01
N ILE D 387 14.65 -7.18 -7.54
CA ILE D 387 15.32 -8.18 -6.72
C ILE D 387 16.22 -7.57 -5.60
N GLY D 388 16.95 -6.50 -5.92
CA GLY D 388 17.83 -5.83 -4.97
C GLY D 388 17.08 -5.27 -3.76
N THR D 389 16.08 -4.42 -4.05
CA THR D 389 15.19 -3.76 -3.09
C THR D 389 14.56 -4.78 -2.12
N GLN D 390 13.92 -5.82 -2.67
CA GLN D 390 13.31 -6.86 -1.87
C GLN D 390 14.28 -7.52 -0.89
N PHE D 391 15.48 -7.87 -1.37
CA PHE D 391 16.49 -8.51 -0.53
C PHE D 391 17.05 -7.59 0.53
N ARG D 392 17.15 -6.26 0.23
CA ARG D 392 17.61 -5.33 1.26
C ARG D 392 16.56 -5.24 2.38
N LYS D 393 15.28 -5.15 2.01
CA LYS D 393 14.19 -5.08 2.99
C LYS D 393 14.16 -6.33 3.88
N LEU D 394 14.38 -7.51 3.28
CA LEU D 394 14.43 -8.78 4.00
C LEU D 394 15.59 -8.86 4.98
N ARG D 395 16.68 -8.11 4.70
CA ARG D 395 17.88 -8.09 5.53
C ARG D 395 17.79 -7.09 6.67
N ASP D 396 17.62 -5.80 6.33
CA ASP D 396 17.49 -4.66 7.24
C ASP D 396 16.22 -4.69 8.11
N GLY D 397 15.18 -5.39 7.64
CA GLY D 397 13.88 -5.51 8.29
C GLY D 397 13.65 -6.81 9.04
N ASP D 398 14.71 -7.61 9.21
CA ASP D 398 14.67 -8.87 9.96
C ASP D 398 15.35 -8.59 11.28
N ARG D 399 14.63 -8.77 12.37
CA ARG D 399 15.16 -8.56 13.71
C ARG D 399 16.09 -9.72 14.09
N PHE D 400 15.83 -10.91 13.51
CA PHE D 400 16.61 -12.11 13.77
C PHE D 400 17.66 -12.38 12.68
N TRP D 401 18.10 -11.29 12.01
CA TRP D 401 19.16 -11.38 11.01
C TRP D 401 20.45 -11.78 11.72
N TRP D 402 21.11 -12.83 11.21
CA TRP D 402 22.34 -13.40 11.77
C TRP D 402 23.42 -12.41 12.28
N GLU D 403 23.69 -11.35 11.52
CA GLU D 403 24.66 -10.31 11.89
C GLU D 403 24.10 -9.34 12.98
N ASN D 404 22.77 -9.29 13.21
CA ASN D 404 22.19 -8.37 14.21
C ASN D 404 22.68 -8.63 15.63
N GLU D 405 23.17 -7.52 16.31
CA GLU D 405 23.70 -7.52 17.67
C GLU D 405 22.73 -8.14 18.63
N GLY D 406 23.13 -9.23 19.28
CA GLY D 406 22.26 -9.96 20.18
C GLY D 406 21.87 -11.33 19.67
N VAL D 407 21.56 -11.46 18.33
CA VAL D 407 21.15 -12.71 17.67
C VAL D 407 22.20 -13.83 17.95
N PHE D 408 23.48 -13.54 17.65
CA PHE D 408 24.58 -14.47 17.93
C PHE D 408 25.69 -13.78 18.74
N SER D 409 26.62 -14.59 19.27
CA SER D 409 27.79 -14.07 19.96
C SER D 409 28.86 -13.67 18.89
N MET D 410 29.91 -12.89 19.27
CA MET D 410 31.01 -12.46 18.35
C MET D 410 31.66 -13.73 17.78
N GLN D 411 31.91 -14.70 18.69
CA GLN D 411 32.52 -16.01 18.49
C GLN D 411 31.61 -16.86 17.62
N GLN D 412 30.28 -16.89 17.91
CA GLN D 412 29.34 -17.66 17.07
C GLN D 412 29.31 -17.13 15.63
N ARG D 413 29.24 -15.80 15.48
CA ARG D 413 29.23 -15.11 14.19
C ARG D 413 30.48 -15.46 13.41
N GLN D 414 31.64 -15.54 14.11
CA GLN D 414 32.92 -15.86 13.48
C GLN D 414 32.96 -17.32 13.02
N ALA D 415 32.27 -18.21 13.76
CA ALA D 415 32.16 -19.63 13.42
C ALA D 415 31.27 -19.84 12.20
N LEU D 416 30.11 -19.12 12.12
CA LEU D 416 29.15 -19.20 11.02
C LEU D 416 29.68 -18.61 9.70
N ALA D 417 30.65 -17.66 9.80
CA ALA D 417 31.28 -17.02 8.66
C ALA D 417 32.10 -18.02 7.83
N GLN D 418 32.43 -19.18 8.42
CA GLN D 418 33.23 -20.24 7.81
C GLN D 418 32.39 -21.33 7.09
N ILE D 419 31.06 -21.20 7.09
CA ILE D 419 30.19 -22.16 6.41
C ILE D 419 30.20 -21.97 4.89
N SER D 420 29.83 -23.01 4.15
CA SER D 420 29.72 -23.03 2.70
C SER D 420 28.78 -24.18 2.32
N LEU D 421 28.12 -24.07 1.15
CA LEU D 421 27.22 -25.13 0.69
C LEU D 421 28.04 -26.40 0.32
N PRO D 422 29.25 -26.28 -0.33
CA PRO D 422 30.07 -27.49 -0.57
C PRO D 422 30.29 -28.27 0.72
N ARG D 423 30.70 -27.59 1.83
CA ARG D 423 30.88 -28.20 3.16
C ARG D 423 29.64 -28.88 3.69
N ILE D 424 28.43 -28.32 3.42
CA ILE D 424 27.14 -28.91 3.84
C ILE D 424 26.95 -30.22 3.07
N ILE D 425 27.26 -30.22 1.75
CA ILE D 425 27.19 -31.42 0.91
C ILE D 425 28.14 -32.54 1.45
N CYS D 426 29.32 -32.14 1.97
CA CYS D 426 30.28 -33.06 2.57
C CYS D 426 29.74 -33.78 3.80
N ASP D 427 29.29 -33.01 4.79
CA ASP D 427 28.79 -33.48 6.08
C ASP D 427 27.49 -34.29 5.99
N ASN D 428 26.78 -34.24 4.83
CA ASN D 428 25.47 -34.88 4.78
C ASN D 428 25.23 -35.85 3.61
N THR D 429 26.31 -36.22 2.90
CA THR D 429 26.26 -37.16 1.77
C THR D 429 27.59 -37.94 1.65
N GLY D 430 27.61 -38.91 0.73
CA GLY D 430 28.80 -39.70 0.43
C GLY D 430 29.76 -39.01 -0.52
N ILE D 431 29.49 -37.73 -0.85
CA ILE D 431 30.33 -36.96 -1.77
C ILE D 431 31.63 -36.56 -1.07
N THR D 432 32.76 -36.90 -1.73
CA THR D 432 34.12 -36.64 -1.24
C THR D 432 34.82 -35.55 -2.05
N THR D 433 34.30 -35.24 -3.23
CA THR D 433 34.82 -34.17 -4.08
C THR D 433 33.69 -33.16 -4.29
N VAL D 434 33.90 -31.90 -3.84
CA VAL D 434 32.93 -30.81 -3.99
C VAL D 434 33.54 -29.65 -4.77
N SER D 435 32.68 -28.71 -5.19
CA SER D 435 33.08 -27.52 -5.96
C SER D 435 33.91 -26.57 -5.11
N LYS D 436 34.93 -25.98 -5.73
CA LYS D 436 35.80 -25.00 -5.10
C LYS D 436 34.93 -23.74 -4.93
N ASN D 437 35.01 -23.06 -3.77
CA ASN D 437 34.23 -21.85 -3.51
C ASN D 437 34.68 -20.74 -4.48
N ASN D 438 33.74 -19.98 -5.12
CA ASN D 438 32.29 -19.92 -4.95
C ASN D 438 31.51 -21.03 -5.71
N ILE D 439 30.70 -21.84 -4.97
CA ILE D 439 29.84 -22.94 -5.48
C ILE D 439 28.97 -22.58 -6.74
N PHE D 440 28.37 -21.37 -6.75
CA PHE D 440 27.51 -20.89 -7.82
C PHE D 440 28.27 -20.59 -9.10
N MET D 441 29.59 -20.29 -9.00
CA MET D 441 30.40 -20.02 -10.18
C MET D 441 31.07 -21.31 -10.71
N SER D 442 31.56 -22.15 -9.79
CA SER D 442 32.22 -23.41 -10.10
C SER D 442 31.29 -24.42 -10.78
N ASN D 443 31.61 -24.80 -12.05
CA ASN D 443 30.81 -25.71 -12.87
C ASN D 443 31.58 -26.84 -13.61
N SER D 444 32.93 -26.79 -13.68
CA SER D 444 33.72 -27.80 -14.40
C SER D 444 34.51 -28.79 -13.55
N TYR D 445 34.36 -30.09 -13.85
CA TYR D 445 35.11 -31.15 -13.17
C TYR D 445 36.31 -31.68 -14.00
N PRO D 446 37.55 -31.72 -13.43
CA PRO D 446 37.93 -31.36 -12.06
C PRO D 446 38.56 -29.96 -11.88
N ARG D 447 38.61 -29.12 -12.94
CA ARG D 447 39.18 -27.75 -12.95
C ARG D 447 38.74 -26.89 -11.74
N ASP D 448 37.43 -26.96 -11.41
CA ASP D 448 36.80 -26.19 -10.34
C ASP D 448 36.45 -27.05 -9.12
N PHE D 449 37.12 -28.20 -8.91
CA PHE D 449 36.80 -29.07 -7.76
C PHE D 449 37.90 -29.25 -6.72
N VAL D 450 37.52 -29.72 -5.50
CA VAL D 450 38.40 -29.96 -4.33
C VAL D 450 37.94 -31.19 -3.51
N ASN D 451 38.80 -31.65 -2.58
CA ASN D 451 38.51 -32.76 -1.66
C ASN D 451 37.94 -32.17 -0.36
N CYS D 452 37.02 -32.90 0.30
CA CYS D 452 36.38 -32.46 1.56
C CYS D 452 37.35 -32.07 2.67
N SER D 453 38.45 -32.83 2.78
CA SER D 453 39.53 -32.61 3.73
C SER D 453 40.06 -31.15 3.74
N THR D 454 40.08 -30.49 2.55
CA THR D 454 40.55 -29.10 2.38
C THR D 454 39.54 -28.05 2.90
N LEU D 455 38.30 -28.50 3.22
CA LEU D 455 37.23 -27.65 3.73
C LEU D 455 37.09 -27.68 5.26
N PRO D 456 37.21 -26.51 5.94
CA PRO D 456 37.02 -26.51 7.39
C PRO D 456 35.52 -26.66 7.76
N ALA D 457 35.25 -27.45 8.80
CA ALA D 457 33.87 -27.70 9.24
C ALA D 457 33.34 -26.59 10.16
N LEU D 458 32.01 -26.60 10.44
CA LEU D 458 31.41 -25.62 11.33
C LEU D 458 31.83 -25.95 12.76
N ASN D 459 32.54 -25.00 13.41
CA ASN D 459 33.00 -25.17 14.77
C ASN D 459 31.96 -24.74 15.80
N LEU D 460 31.18 -25.70 16.29
CA LEU D 460 30.12 -25.46 17.29
C LEU D 460 30.60 -25.21 18.74
N ALA D 461 31.91 -24.95 18.93
CA ALA D 461 32.52 -24.72 20.24
C ALA D 461 31.84 -23.57 21.03
N SER D 462 31.61 -22.42 20.36
CA SER D 462 30.97 -21.25 20.94
C SER D 462 29.48 -21.46 21.40
N TRP D 463 28.85 -22.60 21.05
CA TRP D 463 27.49 -22.92 21.47
C TRP D 463 27.45 -23.63 22.83
N ARG D 464 28.61 -24.17 23.29
CA ARG D 464 28.75 -24.89 24.57
C ARG D 464 28.37 -23.98 25.75
N GLU D 465 27.56 -24.52 26.69
CA GLU D 465 27.18 -23.79 27.92
C GLU D 465 27.32 -24.61 29.21
C1 NAG E . 6.38 11.18 -12.25
C2 NAG E . 7.88 11.43 -12.23
C3 NAG E . 8.43 10.04 -11.91
C4 NAG E . 7.94 9.60 -10.53
C5 NAG E . 6.42 9.54 -10.53
C6 NAG E . 5.81 9.31 -9.17
C7 NAG E . 7.87 13.05 -14.08
C8 NAG E . 7.96 13.22 -15.56
N2 NAG E . 8.18 11.83 -13.59
O3 NAG E . 9.85 10.00 -11.97
O4 NAG E . 8.49 8.33 -10.25
O5 NAG E . 5.85 10.78 -11.00
O6 NAG E . 5.94 10.45 -8.36
O7 NAG E . 7.51 13.98 -13.34
C1 NAG E . 9.18 8.10 -9.03
C2 NAG E . 8.96 6.61 -8.76
C3 NAG E . 9.84 6.26 -7.57
C4 NAG E . 11.30 6.60 -7.85
C5 NAG E . 11.43 8.07 -8.20
C6 NAG E . 12.83 8.47 -8.63
C7 NAG E . 6.70 5.72 -9.30
C8 NAG E . 5.27 5.70 -8.86
N2 NAG E . 7.55 6.36 -8.47
O3 NAG E . 9.71 4.86 -7.31
O4 NAG E . 12.12 6.30 -6.73
O5 NAG E . 10.55 8.38 -9.29
O6 NAG E . 13.05 8.20 -10.02
O7 NAG E . 7.07 5.20 -10.35
C1 NAG F . 15.64 3.64 8.71
C2 NAG F . 16.37 4.87 8.22
C3 NAG F . 15.21 5.83 8.00
C4 NAG F . 14.27 5.29 6.92
C5 NAG F . 13.73 3.93 7.34
C6 NAG F . 12.97 3.21 6.24
C7 NAG F . 18.28 4.64 9.79
C8 NAG F . 18.77 4.98 11.16
N2 NAG F . 17.13 5.26 9.40
O3 NAG F . 15.68 7.13 7.65
O4 NAG F . 13.20 6.21 6.74
O5 NAG F . 14.81 3.06 7.71
O6 NAG F . 13.87 2.77 5.24
O7 NAG F . 18.86 3.83 9.07
C1 NAG F . 12.91 6.70 5.41
C2 NAG F . 11.42 7.04 5.52
C3 NAG F . 11.06 7.80 4.24
C4 NAG F . 11.94 9.03 4.07
C5 NAG F . 13.41 8.63 4.05
C6 NAG F . 14.35 9.82 4.07
C7 NAG F . 10.00 5.41 6.72
C8 NAG F . 9.40 4.04 6.66
N2 NAG F . 10.65 5.81 5.62
O3 NAG F . 9.69 8.18 4.26
O4 NAG F . 11.60 9.70 2.87
O5 NAG F . 13.73 7.85 5.22
O6 NAG F . 14.52 10.35 5.38
O7 NAG F . 9.92 6.10 7.73
CL CL G . -1.11 6.74 5.90
CHA HEM H . -13.49 15.46 11.27
CHB HEM H . -16.10 18.73 13.42
CHC HEM H . -13.73 22.10 10.94
CHD HEM H . -10.90 18.80 9.03
C1A HEM H . -14.38 16.06 12.07
C2A HEM H . -15.29 15.39 12.94
C3A HEM H . -16.00 16.32 13.58
C4A HEM H . -15.54 17.55 13.09
CMA HEM H . -17.07 16.11 14.61
CAA HEM H . -15.42 13.90 13.19
CBA HEM H . -14.44 13.65 14.37
CGA HEM H . -14.19 12.18 14.65
O1A HEM H . -15.06 11.45 15.01
O2A HEM H . -12.97 11.62 14.50
C1B HEM H . -15.62 19.93 12.91
C2B HEM H . -16.32 21.15 13.15
C3B HEM H . -15.70 22.03 12.43
C4B HEM H . -14.59 21.38 11.74
CMB HEM H . -17.48 21.52 14.04
CAB HEM H . -16.06 23.38 12.31
CBB HEM H . -16.82 23.34 11.29
C1C HEM H . -12.68 21.51 10.32
C2C HEM H . -11.72 22.25 9.60
C3C HEM H . -10.81 21.30 9.09
C4C HEM H . -11.34 20.01 9.50
CMC HEM H . -11.73 23.75 9.46
CAC HEM H . -9.63 21.52 8.24
CBC HEM H . -9.13 22.70 7.92
C1D HEM H . -11.47 17.59 9.44
C2D HEM H . -11.12 16.32 8.85
C3D HEM H . -11.81 15.42 9.45
C4D HEM H . -12.66 16.13 10.40
CMD HEM H . -10.10 15.98 7.85
CAD HEM H . -11.89 13.92 9.11
CBD HEM H . -12.59 13.87 7.73
CGD HEM H . -13.00 12.51 7.26
O1D HEM H . -12.37 11.93 6.42
O2D HEM H . -14.09 11.91 7.75
NA HEM H . -14.44 17.42 12.22
NB HEM H . -14.55 20.08 12.09
NC HEM H . -12.41 20.15 10.37
ND HEM H . -12.43 17.44 10.36
FE HEM H . -13.25 18.80 11.50
C1 NAG I . -36.22 24.00 -11.67
C2 NAG I . -36.75 24.38 -10.28
C3 NAG I . -38.03 25.20 -10.48
C4 NAG I . -37.72 26.46 -11.30
C5 NAG I . -37.00 26.11 -12.61
C6 NAG I . -36.40 27.32 -13.29
C7 NAG I . -36.13 22.86 -8.46
C8 NAG I . -36.43 21.56 -7.78
N2 NAG I . -36.98 23.23 -9.43
O3 NAG I . -38.56 25.56 -9.21
O4 NAG I . -38.92 27.19 -11.57
O5 NAG I . -35.89 25.21 -12.36
O6 NAG I . -35.34 27.89 -12.55
O7 NAG I . -35.16 23.55 -8.14
C1 NAG J . -36.19 29.09 17.90
C2 NAG J . -35.59 29.84 19.08
C3 NAG J . -36.53 30.96 19.55
C4 NAG J . -37.03 31.80 18.37
C5 NAG J . -37.63 30.90 17.29
C6 NAG J . -38.06 31.65 16.04
C7 NAG J . -34.33 28.75 20.90
C8 NAG J . -34.36 27.67 21.95
N2 NAG J . -35.43 28.84 20.13
O3 NAG J . -35.85 31.80 20.48
O4 NAG J . -38.02 32.69 18.87
O5 NAG J . -36.64 29.95 16.86
O6 NAG J . -38.65 30.80 15.09
O7 NAG J . -33.35 29.48 20.75
C1 NAG K . -38.02 35.19 16.86
C2 NAG K . -39.47 35.20 17.31
C3 NAG K . -39.81 36.68 17.43
C4 NAG K . -38.97 37.33 18.55
C5 NAG K . -37.48 37.00 18.38
C6 NAG K . -36.68 37.21 19.65
C7 NAG K . -41.12 33.46 16.73
C8 NAG K . -41.98 32.89 15.64
N2 NAG K . -40.37 34.53 16.39
O3 NAG K . -41.20 36.86 17.71
O4 NAG K . -39.16 38.75 18.55
O5 NAG K . -37.29 35.62 18.01
O6 NAG K . -36.96 36.22 20.63
O7 NAG K . -41.08 32.97 17.85
C1 FUC L . 6.60 10.87 -6.12
C2 FUC L . 8.01 11.47 -5.96
C3 FUC L . 8.20 12.84 -6.62
C4 FUC L . 7.02 13.77 -6.37
C5 FUC L . 5.75 13.07 -6.84
C6 FUC L . 4.51 13.91 -6.72
O2 FUC L . 8.96 10.56 -6.50
O3 FUC L . 9.39 13.45 -6.11
O4 FUC L . 6.90 14.09 -4.98
O5 FUC L . 5.57 11.87 -6.08
C1 BMA M . 12.02 12.49 2.65
C2 BMA M . 12.13 12.34 1.14
C3 BMA M . 11.18 13.31 0.47
C4 BMA M . 9.74 13.18 1.00
C5 BMA M . 9.70 13.11 2.52
C6 BMA M . 8.37 12.65 3.07
O2 BMA M . 11.83 11.00 0.76
O3 BMA M . 11.20 13.15 -0.95
O4 BMA M . 8.97 14.29 0.55
O5 BMA M . 10.68 12.16 3.02
O6 BMA M . 7.28 13.05 2.25
C1 MAN N . 12.02 16.41 0.08
C2 MAN N . 12.85 16.23 -1.20
C3 MAN N . 13.99 15.24 -0.98
C4 MAN N . 14.80 15.54 0.27
C5 MAN N . 13.87 15.68 1.47
C6 MAN N . 14.58 16.11 2.73
O2 MAN N . 13.33 17.48 -1.66
O3 MAN N . 14.87 15.26 -2.11
O4 MAN N . 15.71 14.47 0.51
O5 MAN N . 12.87 16.68 1.20
O6 MAN N . 13.71 16.06 3.86
C1 MAN O . 7.81 10.22 0.92
C2 MAN O . 8.53 10.02 -0.41
C3 MAN O . 7.67 10.47 -1.59
C4 MAN O . 6.26 9.89 -1.53
C5 MAN O . 5.63 9.98 -0.15
C6 MAN O . 4.40 9.11 -0.01
O2 MAN O . 8.98 8.68 -0.54
O3 MAN O . 8.28 10.11 -2.83
O4 MAN O . 5.45 10.59 -2.47
O5 MAN O . 6.55 9.56 0.87
O6 MAN O . 4.72 7.72 -0.04
CA CA P . -13.77 15.59 -4.51
CL CL Q . -37.21 21.40 -0.39
C13 XRV R . -26.69 13.39 10.21
C15 XRV R . -24.95 14.74 9.34
C11 XRV R . -24.69 13.60 11.45
C12 XRV R . -25.96 13.07 11.33
F XRV R . -27.94 12.84 10.07
C14 XRV R . -26.22 14.21 9.21
C10 XRV R . -24.18 14.44 10.46
N3 XRV R . -22.86 15.00 10.61
N2 XRV R . -22.39 15.94 9.72
C8 XRV R . -21.18 16.27 10.15
C9 XRV R . -21.94 14.78 11.58
C7 XRV R . -20.81 15.54 11.33
C6 XRV R . -19.51 15.51 12.08
C5 XRV R . -18.34 15.27 11.15
C1 XRV R . -17.90 13.97 10.89
C4 XRV R . -17.69 16.31 10.48
N4 XRV R . -17.79 17.71 10.50
N5 XRV R . -16.96 18.18 9.68
N6 XRV R . -16.24 17.17 9.07
C3 XRV R . -16.69 15.95 9.57
N1 XRV R . -16.28 14.71 9.26
C2 XRV R . -16.89 13.71 9.96
N7 XRV R . -16.42 12.46 9.74
C1 BMA S . 14.79 5.50 -7.21
C2 BMA S . 15.16 5.89 -5.80
C3 BMA S . 15.86 4.72 -5.12
C4 BMA S . 15.07 3.42 -5.22
C5 BMA S . 14.54 3.18 -6.65
C6 BMA S . 13.50 2.09 -6.72
O2 BMA S . 13.97 6.23 -5.10
O3 BMA S . 16.16 5.01 -3.77
O4 BMA S . 15.89 2.33 -4.85
O5 BMA S . 13.92 4.37 -7.16
O6 BMA S . 13.67 1.09 -5.72
C1 MAN T . 19.03 4.24 -5.70
C2 MAN T . 19.56 5.23 -4.65
C3 MAN T . 19.02 6.63 -4.87
C4 MAN T . 19.19 7.09 -6.32
C5 MAN T . 18.62 6.03 -7.27
C6 MAN T . 18.86 6.35 -8.73
O2 MAN T . 20.99 5.21 -4.63
O3 MAN T . 19.68 7.55 -4.00
O4 MAN T . 18.50 8.32 -6.52
O5 MAN T . 19.23 4.76 -7.01
O6 MAN T . 18.16 5.45 -9.58
C1 MAN U . 11.76 2.96 -4.03
C2 MAN U . 12.25 3.91 -2.93
C3 MAN U . 12.65 3.09 -1.70
C4 MAN U . 11.53 2.14 -1.26
C5 MAN U . 11.00 1.31 -2.43
C6 MAN U . 9.71 0.60 -2.10
O2 MAN U . 11.26 4.91 -2.65
O3 MAN U . 13.00 3.93 -0.62
O4 MAN U . 12.05 1.27 -0.26
O5 MAN U . 10.69 2.17 -3.55
O6 MAN U . 8.61 1.50 -1.98
CHA HEM V . 6.26 -20.11 -9.65
CHB HEM V . 7.68 -24.15 -11.60
CHC HEM V . 12.23 -22.73 -10.86
CHD HEM V . 10.74 -18.72 -8.85
C1A HEM V . 6.27 -21.24 -10.38
C2A HEM V . 5.11 -21.93 -10.80
C3A HEM V . 5.51 -23.04 -11.44
C4A HEM V . 6.91 -23.03 -11.33
CMA HEM V . 4.65 -24.09 -12.09
CAA HEM V . 3.68 -21.46 -10.59
CBA HEM V . 3.39 -20.69 -11.89
CGA HEM V . 2.06 -19.99 -11.93
O1A HEM V . 0.99 -20.56 -11.83
O2A HEM V . 2.04 -18.65 -12.10
C1B HEM V . 9.06 -24.10 -11.47
C2B HEM V . 9.85 -25.20 -11.86
C3B HEM V . 11.10 -24.79 -11.66
C4B HEM V . 11.08 -23.44 -11.12
CMB HEM V . 9.55 -26.50 -12.53
CAB HEM V . 12.30 -25.56 -11.91
CBB HEM V . 13.47 -25.16 -11.39
C1C HEM V . 12.21 -21.51 -10.36
C2C HEM V . 13.40 -20.82 -10.04
C3C HEM V . 12.98 -19.59 -9.52
C4C HEM V . 11.53 -19.64 -9.48
CMC HEM V . 14.80 -21.33 -10.31
CAC HEM V . 13.83 -18.47 -9.03
CBC HEM V . 15.15 -18.41 -9.15
C1D HEM V . 9.36 -18.85 -8.82
C2D HEM V . 8.49 -18.00 -8.05
C3D HEM V . 7.28 -18.32 -8.33
C4D HEM V . 7.37 -19.49 -9.18
CMD HEM V . 8.82 -16.79 -7.24
CAD HEM V . 6.02 -17.73 -7.67
CBD HEM V . 6.10 -18.13 -6.20
CGD HEM V . 4.85 -17.90 -5.39
O1D HEM V . 4.74 -17.00 -4.66
O2D HEM V . 3.81 -18.71 -5.46
NA HEM V . 7.40 -21.84 -10.80
NB HEM V . 9.81 -23.02 -11.09
NC HEM V . 11.08 -20.77 -10.10
ND HEM V . 8.62 -19.79 -9.46
FE HEM V . 9.23 -21.20 -10.70
C1 NAG W . 12.99 -40.57 15.94
C2 NAG W . 12.83 -41.35 14.64
C3 NAG W . 13.18 -42.81 14.93
C4 NAG W . 14.63 -42.90 15.44
C5 NAG W . 14.87 -41.93 16.60
C6 NAG W . 16.33 -41.76 16.94
C7 NAG W . 11.13 -40.48 13.08
C8 NAG W . 9.65 -40.36 12.81
N2 NAG W . 11.46 -41.24 14.14
O3 NAG W . 13.05 -43.59 13.74
O4 NAG W . 14.95 -44.24 15.83
O5 NAG W . 14.37 -40.62 16.28
O6 NAG W . 17.04 -41.10 15.89
O7 NAG W . 11.97 -39.90 12.40
C1 NAG X . 9.19 -47.18 -13.04
C2 NAG X . 9.75 -47.10 -14.46
C3 NAG X . 10.33 -48.43 -14.91
C4 NAG X . 11.25 -49.03 -13.84
C5 NAG X . 10.56 -49.05 -12.47
C6 NAG X . 11.46 -49.52 -11.35
C7 NAG X . 8.65 -45.81 -16.26
C8 NAG X . 7.38 -45.60 -17.01
N2 NAG X . 8.61 -46.74 -15.30
O3 NAG X . 11.08 -48.24 -16.10
O4 NAG X . 11.59 -50.36 -14.21
O5 NAG X . 10.14 -47.73 -12.12
O6 NAG X . 10.77 -49.59 -10.10
O7 NAG X . 9.67 -45.16 -16.50
C1 NAG Y . 14.44 -50.96 -12.86
C2 NAG Y . 13.84 -52.36 -12.88
C3 NAG Y . 15.05 -53.24 -13.20
C4 NAG Y . 15.55 -52.94 -14.62
C5 NAG Y . 15.78 -51.43 -14.81
C6 NAG Y . 15.85 -51.03 -16.27
C7 NAG Y . 11.92 -53.10 -11.53
C8 NAG Y . 11.44 -53.49 -10.17
N2 NAG Y . 13.22 -52.76 -11.63
O3 NAG Y . 14.71 -54.61 -13.09
O4 NAG Y . 16.75 -53.66 -14.89
O5 NAG Y . 14.70 -50.66 -14.23
O6 NAG Y . 14.57 -51.06 -16.90
O7 NAG Y . 11.16 -53.08 -12.51
C1 FUC Z . 13.79 2.78 2.87
C2 FUC Z . 14.74 3.78 2.21
C3 FUC Z . 16.22 3.53 2.53
C4 FUC Z . 16.60 2.06 2.40
C5 FUC Z . 15.68 1.24 3.30
C6 FUC Z . 15.94 -0.25 3.26
O2 FUC Z . 14.37 5.09 2.63
O3 FUC Z . 17.04 4.30 1.66
O4 FUC Z . 16.47 1.66 1.04
O5 FUC Z . 14.31 1.44 2.89
CA CA AA . 10.70 -17.74 5.24
C13 XRV BA . 0.43 -31.23 -4.92
C15 XRV BA . 2.53 -30.12 -4.97
C11 XRV BA . 0.89 -29.71 -6.69
C12 XRV BA . 0.03 -30.61 -6.09
F XRV BA . -0.44 -32.05 -4.28
C14 XRV BA . 1.66 -31.01 -4.35
C10 XRV BA . 2.15 -29.45 -6.13
N3 XRV BA . 2.97 -28.43 -6.68
N2 XRV BA . 4.31 -28.42 -6.38
C8 XRV BA . 4.88 -27.49 -7.13
C9 XRV BA . 2.68 -27.48 -7.59
C7 XRV BA . 3.88 -26.85 -7.93
C6 XRV BA . 4.08 -25.79 -8.90
C5 XRV BA . 4.62 -24.52 -8.25
C1 XRV BA . 3.72 -23.59 -7.76
C4 XRV BA . 5.99 -24.20 -8.23
N4 XRV BA . 7.18 -24.85 -8.65
N5 XRV BA . 8.18 -24.05 -8.44
N6 XRV BA . 7.75 -22.86 -7.86
C3 XRV BA . 6.33 -22.95 -7.72
N1 XRV BA . 5.46 -22.04 -7.23
C2 XRV BA . 4.15 -22.36 -7.26
N7 XRV BA . 3.28 -21.43 -6.82
#